data_3WR9
#
_entry.id   3WR9
#
_cell.length_a   123.523
_cell.length_b   159.182
_cell.length_c   104.498
_cell.angle_alpha   90.00
_cell.angle_beta   90.00
_cell.angle_gamma   90.00
#
_symmetry.space_group_name_H-M   'C 2 2 21'
#
loop_
_entity.id
_entity.type
_entity.pdbx_description
1 polymer 'Gallate dioxygenase'
2 non-polymer 'FE (II) ION'
3 non-polymer '3,4,5-trihydroxybenzoic acid'
4 water water
#
_entity_poly.entity_id   1
_entity_poly.type   'polypeptide(L)'
_entity_poly.pdbx_seq_one_letter_code
;MAKIIGGFAVSHTPTIAFAHDANKYDDPVWAPIFQGFEPVKQWLAEQKPDVTFYVYNDHMTSFFEHYSHFALGVGEEYSP
ADEGGGQRDLPPIKGDPELAKHIAECLVADEFDLAYWQGMGLDHGAFSPLSVLLPHEHGWPCRIVPLQCGVLQHPIPKAR
RFWNFGRSLRRAIQSYPRDIKVAIAGTGGLSHQVHGERAGFNNTEWDMEFMERLANDPESLLGATVTDLAKKGGWEGAEV
VMWLLMRGALSPEVKTLHQSYFLPSMTAIATMLFEDQGDAAPPAESDEALRARAKRELAGVEEIEGTYPFTIDRAVKGFR
INHFLHRLIEPDFRKRFVEDPEGLFAESDLTEEEKSLIRNRDWIGMIHYGVIFFMLEKMAAVLGIGNIDVYAAFRGLSVP
EFQKTRNAAITYSVAGKQ
;
_entity_poly.pdbx_strand_id   A,B
#
loop_
_chem_comp.id
_chem_comp.type
_chem_comp.name
_chem_comp.formula
FE2 non-polymer 'FE (II) ION' 'Fe 2'
GDE non-polymer '3,4,5-trihydroxybenzoic acid' 'C7 H6 O5'
#
# COMPACT_ATOMS: atom_id res chain seq x y z
N ALA A 2 1.57 -11.62 24.08
CA ALA A 2 0.23 -12.12 24.48
C ALA A 2 -0.37 -11.40 25.67
N LYS A 3 0.44 -10.72 26.47
CA LYS A 3 -0.16 -9.79 27.43
C LYS A 3 0.01 -8.30 27.04
N ILE A 4 -1.12 -7.61 26.92
CA ILE A 4 -1.17 -6.16 26.72
C ILE A 4 -1.13 -5.47 28.08
N ILE A 5 -0.12 -4.64 28.31
CA ILE A 5 0.06 -4.03 29.63
C ILE A 5 -0.67 -2.68 29.73
N GLY A 6 -0.95 -2.10 28.57
CA GLY A 6 -1.53 -0.79 28.46
C GLY A 6 -1.07 -0.10 27.18
N GLY A 7 -1.31 1.20 27.12
CA GLY A 7 -1.03 1.97 25.94
C GLY A 7 -0.84 3.41 26.30
N PHE A 8 -0.25 4.14 25.38
CA PHE A 8 -0.04 5.56 25.58
C PHE A 8 -0.30 6.31 24.30
N ALA A 9 -0.87 7.49 24.43
CA ALA A 9 -1.08 8.35 23.29
C ALA A 9 -0.09 9.47 23.44
N VAL A 10 0.59 9.84 22.36
CA VAL A 10 1.52 10.99 22.39
C VAL A 10 1.58 11.79 21.10
N SER A 11 1.56 13.11 21.19
CA SER A 11 1.92 13.94 20.04
C SER A 11 3.21 13.44 19.31
N HIS A 12 3.34 13.71 18.01
CA HIS A 12 4.58 13.36 17.30
C HIS A 12 5.23 14.52 16.53
N THR A 13 4.86 15.74 16.90
CA THR A 13 5.40 16.92 16.21
C THR A 13 6.92 16.95 16.28
N PRO A 14 7.57 17.33 15.16
CA PRO A 14 9.04 17.47 15.07
C PRO A 14 9.59 18.56 16.02
N THR A 15 8.72 19.24 16.75
CA THR A 15 9.15 20.09 17.85
C THR A 15 9.83 19.26 18.93
N ILE A 16 9.39 18.00 19.04
CA ILE A 16 9.83 17.10 20.09
C ILE A 16 11.19 16.55 19.68
N ALA A 17 11.29 16.03 18.46
CA ALA A 17 12.57 15.57 17.92
C ALA A 17 13.65 16.63 18.05
N PHE A 18 13.33 17.85 17.62
CA PHE A 18 14.25 18.98 17.72
C PHE A 18 14.56 19.34 19.18
N ALA A 19 13.55 19.40 20.02
CA ALA A 19 13.77 19.66 21.44
C ALA A 19 14.85 18.72 22.04
N HIS A 20 14.81 17.46 21.61
CA HIS A 20 15.75 16.44 22.05
C HIS A 20 17.12 16.62 21.42
N ASP A 21 17.17 16.66 20.10
CA ASP A 21 18.42 16.81 19.38
C ASP A 21 19.19 18.11 19.73
N ALA A 22 18.46 19.18 20.04
CA ALA A 22 19.09 20.46 20.43
C ALA A 22 19.28 20.64 21.95
N ASN A 23 18.97 19.60 22.71
CA ASN A 23 19.18 19.59 24.16
C ASN A 23 18.46 20.71 24.89
N LYS A 24 17.17 20.87 24.59
CA LYS A 24 16.39 21.99 25.13
C LYS A 24 15.80 21.73 26.52
N TYR A 25 16.18 20.64 27.16
CA TYR A 25 15.69 20.31 28.52
C TYR A 25 16.01 21.36 29.60
N ASP A 26 16.97 22.24 29.31
CA ASP A 26 17.41 23.29 30.26
C ASP A 26 16.59 24.58 30.13
N ASP A 27 15.96 24.76 28.96
CA ASP A 27 15.24 25.97 28.63
C ASP A 27 13.77 25.86 29.08
N PRO A 28 13.37 26.70 30.07
CA PRO A 28 12.03 26.60 30.68
C PRO A 28 10.90 26.79 29.68
N VAL A 29 11.19 27.44 28.56
CA VAL A 29 10.22 27.55 27.49
C VAL A 29 9.94 26.16 26.91
N TRP A 30 10.98 25.35 26.76
CA TRP A 30 10.84 23.97 26.27
C TRP A 30 10.69 22.92 27.36
N ALA A 31 11.12 23.22 28.58
CA ALA A 31 11.14 22.24 29.66
C ALA A 31 9.93 21.31 29.70
N PRO A 32 8.69 21.86 29.69
CA PRO A 32 7.49 21.05 29.94
C PRO A 32 7.17 20.02 28.87
N ILE A 33 7.85 20.07 27.73
CA ILE A 33 7.74 18.96 26.80
C ILE A 33 8.29 17.72 27.49
N PHE A 34 9.41 17.87 28.20
CA PHE A 34 10.08 16.74 28.86
C PHE A 34 9.34 16.32 30.12
N GLN A 35 8.92 17.30 30.93
CA GLN A 35 8.09 17.10 32.13
C GLN A 35 6.85 16.25 31.80
N GLY A 36 6.24 16.53 30.64
CA GLY A 36 5.06 15.82 30.17
C GLY A 36 5.31 14.38 29.77
N PHE A 37 6.45 14.15 29.13
CA PHE A 37 6.82 12.81 28.65
C PHE A 37 7.39 11.91 29.77
N GLU A 38 7.96 12.51 30.81
CA GLU A 38 8.69 11.79 31.85
C GLU A 38 7.90 10.62 32.48
N PRO A 39 6.63 10.83 32.89
CA PRO A 39 5.95 9.64 33.46
C PRO A 39 5.79 8.45 32.50
N VAL A 40 5.61 8.74 31.21
CA VAL A 40 5.47 7.70 30.21
C VAL A 40 6.84 7.02 29.98
N LYS A 41 7.91 7.82 29.96
CA LYS A 41 9.27 7.33 29.91
C LYS A 41 9.51 6.33 31.05
N GLN A 42 9.16 6.77 32.26
CA GLN A 42 9.41 6.02 33.48
C GLN A 42 8.57 4.74 33.55
N TRP A 43 7.32 4.83 33.11
CA TRP A 43 6.44 3.65 33.03
C TRP A 43 7.05 2.62 32.08
N LEU A 44 7.47 3.06 30.89
CA LEU A 44 8.19 2.16 29.98
C LEU A 44 9.45 1.48 30.58
N ALA A 45 10.32 2.25 31.25
CA ALA A 45 11.51 1.70 31.88
C ALA A 45 11.14 0.68 32.96
N GLU A 46 10.07 0.98 33.67
CA GLU A 46 9.61 0.14 34.77
C GLU A 46 8.91 -1.14 34.23
N GLN A 47 8.05 -0.98 33.23
CA GLN A 47 7.22 -2.11 32.78
C GLN A 47 7.95 -3.02 31.83
N LYS A 48 8.95 -2.47 31.12
CA LYS A 48 9.77 -3.23 30.19
C LYS A 48 8.97 -4.08 29.17
N PRO A 49 8.13 -3.46 28.33
CA PRO A 49 7.45 -4.29 27.32
C PRO A 49 8.46 -4.88 26.33
N ASP A 50 8.18 -6.05 25.82
CA ASP A 50 9.06 -6.68 24.83
C ASP A 50 8.89 -6.02 23.47
N VAL A 51 7.63 -5.73 23.14
CA VAL A 51 7.29 -5.07 21.89
C VAL A 51 6.28 -3.96 22.14
N THR A 52 6.51 -2.82 21.51
CA THR A 52 5.48 -1.79 21.36
C THR A 52 4.87 -1.90 19.98
N PHE A 53 3.57 -2.14 19.93
CA PHE A 53 2.87 -2.04 18.68
C PHE A 53 2.57 -0.58 18.47
N TYR A 54 3.18 -0.02 17.42
CA TYR A 54 3.34 1.43 17.28
C TYR A 54 2.59 2.03 16.07
N VAL A 55 1.52 2.74 16.38
CA VAL A 55 0.61 3.31 15.42
C VAL A 55 1.00 4.76 15.16
N TYR A 56 1.36 5.05 13.91
CA TYR A 56 1.78 6.39 13.53
C TYR A 56 1.37 6.65 12.08
N ASN A 57 1.59 7.87 11.61
CA ASN A 57 1.47 8.13 10.19
C ASN A 57 2.78 8.70 9.64
N ASP A 58 3.14 8.25 8.44
CA ASP A 58 4.31 8.73 7.72
C ASP A 58 3.87 10.02 7.01
N HIS A 59 4.69 11.07 7.10
CA HIS A 59 4.27 12.37 6.58
C HIS A 59 4.80 12.57 5.15
N MET A 60 4.33 11.67 4.27
CA MET A 60 4.73 11.60 2.88
C MET A 60 6.24 11.57 2.66
N THR A 61 6.92 10.73 3.43
CA THR A 61 8.35 10.51 3.27
C THR A 61 8.60 9.15 2.69
N SER A 62 8.25 8.10 3.44
CA SER A 62 8.43 6.73 2.95
C SER A 62 7.23 6.24 2.13
N PHE A 63 6.08 6.88 2.31
CA PHE A 63 4.86 6.54 1.56
C PHE A 63 4.40 7.76 0.78
N PHE A 64 4.48 7.69 -0.56
CA PHE A 64 4.01 8.81 -1.37
C PHE A 64 3.32 8.33 -2.65
N GLU A 65 4.09 7.82 -3.60
CA GLU A 65 3.51 7.37 -4.86
C GLU A 65 2.60 6.15 -4.64
N HIS A 66 2.88 5.37 -3.58
CA HIS A 66 2.05 4.24 -3.18
C HIS A 66 1.67 4.44 -1.71
N TYR A 67 0.38 4.66 -1.46
CA TYR A 67 -0.06 5.19 -0.19
C TYR A 67 -1.21 4.34 0.29
N SER A 68 -0.96 3.56 1.34
CA SER A 68 -1.98 2.64 1.84
C SER A 68 -2.65 3.05 3.15
N HIS A 69 -3.82 2.48 3.43
CA HIS A 69 -4.54 2.82 4.65
C HIS A 69 -3.94 2.22 5.93
N PHE A 70 -3.62 0.94 5.92
CA PHE A 70 -3.07 0.28 7.11
C PHE A 70 -1.83 -0.54 6.75
N ALA A 71 -0.66 0.07 6.91
CA ALA A 71 0.56 -0.50 6.41
C ALA A 71 1.38 -1.03 7.57
N LEU A 72 1.50 -2.36 7.62
CA LEU A 72 2.07 -3.08 8.73
C LEU A 72 3.53 -3.35 8.45
N GLY A 73 4.37 -2.90 9.36
CA GLY A 73 5.82 -3.12 9.24
C GLY A 73 6.18 -4.53 9.68
N VAL A 74 6.65 -5.32 8.73
CA VAL A 74 6.95 -6.72 8.95
C VAL A 74 8.44 -7.08 9.00
N GLY A 75 9.33 -6.11 8.84
CA GLY A 75 10.76 -6.40 8.64
C GLY A 75 11.56 -6.51 9.92
N GLU A 76 12.86 -6.75 9.77
CA GLU A 76 13.76 -6.99 10.90
C GLU A 76 14.12 -5.76 11.74
N GLU A 77 14.38 -4.64 11.06
CA GLU A 77 14.72 -3.41 11.73
C GLU A 77 14.34 -2.17 10.92
N TYR A 78 14.37 -1.02 11.60
CA TYR A 78 14.00 0.24 10.99
C TYR A 78 14.96 1.33 11.38
N SER A 79 15.41 2.07 10.35
CA SER A 79 16.28 3.23 10.48
C SER A 79 15.47 4.55 10.35
N PRO A 80 15.96 5.65 10.94
CA PRO A 80 15.30 6.95 10.74
C PRO A 80 15.32 7.38 9.27
N ALA A 81 14.23 8.01 8.82
CA ALA A 81 14.15 8.45 7.43
C ALA A 81 14.88 9.77 7.22
N ASP A 82 15.31 10.01 5.99
CA ASP A 82 15.79 11.32 5.60
C ASP A 82 14.56 12.15 5.20
N GLU A 83 14.40 13.32 5.78
CA GLU A 83 13.28 14.21 5.50
C GLU A 83 13.82 15.53 4.91
N GLY A 84 14.98 15.44 4.24
CA GLY A 84 15.59 16.59 3.57
C GLY A 84 16.79 17.16 4.28
N GLY A 85 16.91 16.91 5.58
CA GLY A 85 18.05 17.44 6.34
C GLY A 85 18.94 16.33 6.89
N GLY A 86 19.05 15.23 6.15
CA GLY A 86 19.77 14.05 6.62
C GLY A 86 19.00 13.22 7.65
N GLN A 87 19.38 11.96 7.82
CA GLN A 87 18.78 11.11 8.84
C GLN A 87 19.11 11.62 10.25
N ARG A 88 18.17 11.55 11.19
CA ARG A 88 18.52 11.88 12.58
C ARG A 88 19.54 10.86 13.10
N ASP A 89 20.38 11.28 14.05
CA ASP A 89 21.42 10.39 14.59
C ASP A 89 20.83 9.43 15.63
N LEU A 90 20.15 8.40 15.13
CA LEU A 90 19.50 7.40 15.98
C LEU A 90 19.85 6.00 15.46
N PRO A 91 20.08 5.03 16.38
CA PRO A 91 20.35 3.62 16.03
C PRO A 91 19.10 2.95 15.50
N PRO A 92 19.24 1.95 14.62
CA PRO A 92 18.03 1.28 14.10
C PRO A 92 17.26 0.65 15.25
N ILE A 93 15.95 0.49 15.07
CA ILE A 93 15.16 -0.20 16.07
C ILE A 93 14.68 -1.51 15.46
N LYS A 94 14.64 -2.57 16.27
CA LYS A 94 14.28 -3.88 15.74
C LYS A 94 12.77 -4.08 15.59
N GLY A 95 12.41 -4.79 14.53
CA GLY A 95 11.03 -5.18 14.27
C GLY A 95 10.68 -6.45 15.03
N ASP A 96 9.50 -6.99 14.75
CA ASP A 96 9.15 -8.33 15.21
C ASP A 96 8.35 -9.09 14.14
N PRO A 97 9.06 -9.69 13.17
CA PRO A 97 8.35 -10.34 12.05
C PRO A 97 7.35 -11.40 12.48
N GLU A 98 7.66 -12.13 13.55
CA GLU A 98 6.78 -13.17 14.07
C GLU A 98 5.47 -12.59 14.59
N LEU A 99 5.56 -11.66 15.53
CA LEU A 99 4.36 -10.93 15.98
C LEU A 99 3.60 -10.29 14.80
N ALA A 100 4.34 -9.74 13.84
CA ALA A 100 3.70 -9.04 12.72
C ALA A 100 2.95 -10.00 11.77
N LYS A 101 3.56 -11.13 11.44
CA LYS A 101 2.87 -12.15 10.66
C LYS A 101 1.58 -12.63 11.38
N HIS A 102 1.69 -12.95 12.66
CA HIS A 102 0.52 -13.38 13.40
C HIS A 102 -0.60 -12.34 13.33
N ILE A 103 -0.26 -11.07 13.57
CA ILE A 103 -1.23 -9.97 13.57
C ILE A 103 -1.88 -9.80 12.18
N ALA A 104 -1.07 -9.87 11.15
CA ALA A 104 -1.58 -9.93 9.77
C ALA A 104 -2.64 -10.99 9.58
N GLU A 105 -2.28 -12.24 9.86
CA GLU A 105 -3.20 -13.36 9.78
C GLU A 105 -4.54 -13.10 10.49
N CYS A 106 -4.50 -12.63 11.71
CA CYS A 106 -5.73 -12.34 12.46
C CYS A 106 -6.56 -11.19 11.85
N LEU A 107 -5.88 -10.10 11.51
CA LEU A 107 -6.57 -8.98 10.92
C LEU A 107 -7.20 -9.28 9.56
N VAL A 108 -6.50 -10.05 8.74
CA VAL A 108 -7.06 -10.43 7.47
C VAL A 108 -8.31 -11.31 7.69
N ALA A 109 -8.24 -12.25 8.64
CA ALA A 109 -9.39 -13.11 8.94
C ALA A 109 -10.58 -12.27 9.39
N ASP A 110 -10.30 -11.18 10.11
CA ASP A 110 -11.34 -10.26 10.45
C ASP A 110 -11.75 -9.29 9.33
N GLU A 111 -11.20 -9.52 8.13
CA GLU A 111 -11.56 -8.75 6.94
C GLU A 111 -11.09 -7.29 6.94
N PHE A 112 -9.91 -7.05 7.49
CA PHE A 112 -9.21 -5.77 7.29
C PHE A 112 -8.22 -5.99 6.16
N ASP A 113 -8.06 -4.98 5.32
CA ASP A 113 -7.24 -5.12 4.11
C ASP A 113 -5.95 -4.36 4.38
N LEU A 114 -4.82 -5.00 4.12
CA LEU A 114 -3.57 -4.55 4.65
C LEU A 114 -2.58 -4.23 3.56
N ALA A 115 -1.51 -3.60 4.01
CA ALA A 115 -0.29 -3.51 3.25
C ALA A 115 0.82 -4.02 4.16
N TYR A 116 1.83 -4.63 3.53
CA TYR A 116 3.06 -5.11 4.21
C TYR A 116 4.31 -4.40 3.70
N TRP A 117 5.14 -3.92 4.63
CA TRP A 117 6.38 -3.26 4.23
C TRP A 117 7.63 -3.58 5.05
N GLN A 118 8.78 -3.48 4.37
CA GLN A 118 10.10 -3.73 4.95
C GLN A 118 11.07 -2.70 4.39
N GLY A 119 12.07 -2.34 5.22
CA GLY A 119 13.25 -1.61 4.76
C GLY A 119 13.12 -0.13 4.47
N MET A 120 12.01 0.49 4.82
CA MET A 120 11.86 1.91 4.58
C MET A 120 12.02 2.62 5.91
N GLY A 121 12.52 3.86 5.86
CA GLY A 121 12.85 4.59 7.05
C GLY A 121 11.62 5.08 7.79
N LEU A 122 11.76 5.30 9.09
CA LEU A 122 10.68 5.85 9.93
C LEU A 122 10.86 7.35 10.09
N ASP A 123 9.92 8.14 9.60
CA ASP A 123 10.04 9.61 9.76
C ASP A 123 9.63 10.06 11.16
N HIS A 124 9.52 11.38 11.34
CA HIS A 124 9.22 12.00 12.63
C HIS A 124 7.91 11.50 13.26
N GLY A 125 6.99 11.02 12.43
CA GLY A 125 5.77 10.38 12.93
C GLY A 125 6.08 9.34 13.99
N ALA A 126 7.23 8.68 13.80
CA ALA A 126 7.66 7.58 14.65
C ALA A 126 8.76 8.01 15.64
N PHE A 127 9.92 8.41 15.12
CA PHE A 127 11.07 8.69 15.96
C PHE A 127 11.01 9.96 16.80
N SER A 128 10.14 10.90 16.44
CA SER A 128 10.04 12.13 17.22
C SER A 128 9.73 11.84 18.67
N PRO A 129 8.62 11.15 18.97
CA PRO A 129 8.33 10.87 20.38
C PRO A 129 9.14 9.71 20.97
N LEU A 130 9.49 8.73 20.15
CA LEU A 130 10.32 7.63 20.63
C LEU A 130 11.63 8.15 21.19
N SER A 131 12.18 9.18 20.56
CA SER A 131 13.49 9.65 20.95
C SER A 131 13.44 10.27 22.33
N VAL A 132 12.25 10.72 22.73
CA VAL A 132 12.10 11.25 24.07
C VAL A 132 11.54 10.19 25.00
N LEU A 133 10.95 9.12 24.47
CA LEU A 133 10.37 8.11 25.35
C LEU A 133 11.29 6.99 25.81
N LEU A 134 12.30 6.71 25.01
CA LEU A 134 13.09 5.51 25.16
C LEU A 134 14.55 5.89 25.01
N PRO A 135 15.40 5.46 25.95
CA PRO A 135 16.85 5.70 25.84
C PRO A 135 17.45 4.92 24.69
N HIS A 136 18.39 5.54 23.98
CA HIS A 136 18.94 4.96 22.78
C HIS A 136 20.45 5.17 22.70
N GLU A 137 21.09 5.34 23.86
CA GLU A 137 22.58 5.35 23.92
C GLU A 137 23.13 4.13 23.12
N HIS A 138 22.61 2.93 23.40
CA HIS A 138 23.04 1.71 22.70
C HIS A 138 21.81 0.90 22.34
N GLY A 139 21.41 0.96 21.07
CA GLY A 139 20.15 0.33 20.61
C GLY A 139 18.93 0.79 21.39
N TRP A 140 17.83 0.04 21.33
CA TRP A 140 16.57 0.48 21.94
C TRP A 140 16.09 -0.57 22.93
N PRO A 141 15.36 -0.15 23.99
CA PRO A 141 14.98 -1.12 25.01
C PRO A 141 14.00 -2.20 24.53
N CYS A 142 13.14 -1.91 23.56
CA CYS A 142 12.19 -2.93 23.10
C CYS A 142 12.21 -3.04 21.60
N ARG A 143 11.45 -3.98 21.05
CA ARG A 143 11.26 -4.04 19.61
C ARG A 143 10.00 -3.25 19.32
N ILE A 144 9.74 -2.95 18.05
CA ILE A 144 8.40 -2.48 17.67
C ILE A 144 7.78 -3.23 16.49
N VAL A 145 6.45 -3.20 16.46
CA VAL A 145 5.74 -3.48 15.23
C VAL A 145 5.00 -2.21 14.80
N PRO A 146 5.49 -1.56 13.73
CA PRO A 146 4.87 -0.32 13.27
C PRO A 146 3.62 -0.57 12.47
N LEU A 147 2.59 0.22 12.76
CA LEU A 147 1.46 0.33 11.87
C LEU A 147 1.38 1.77 11.39
N GLN A 148 1.77 1.97 10.13
CA GLN A 148 1.67 3.28 9.47
C GLN A 148 0.28 3.45 8.85
N CYS A 149 -0.43 4.49 9.30
CA CYS A 149 -1.80 4.72 8.87
C CYS A 149 -1.91 5.85 7.85
N GLY A 150 -2.60 5.59 6.74
CA GLY A 150 -2.72 6.59 5.67
C GLY A 150 -3.80 7.63 5.91
N VAL A 151 -3.54 8.57 6.81
CA VAL A 151 -4.55 9.52 7.25
C VAL A 151 -4.53 10.87 6.51
N LEU A 152 -3.72 11.00 5.46
CA LEU A 152 -3.46 12.32 4.89
C LEU A 152 -4.07 12.54 3.51
N GLN A 153 -4.33 11.45 2.80
CA GLN A 153 -4.86 11.49 1.45
C GLN A 153 -6.27 10.89 1.46
N HIS A 154 -7.26 11.77 1.30
CA HIS A 154 -8.67 11.38 1.45
C HIS A 154 -9.26 10.81 0.15
N PRO A 155 -10.16 9.81 0.26
CA PRO A 155 -10.77 9.28 1.49
C PRO A 155 -9.87 8.33 2.31
N ILE A 156 -9.91 8.51 3.61
CA ILE A 156 -9.24 7.64 4.56
C ILE A 156 -10.32 6.85 5.29
N PRO A 157 -9.95 5.79 6.04
CA PRO A 157 -10.95 5.00 6.76
C PRO A 157 -11.68 5.82 7.84
N LYS A 158 -12.92 5.44 8.18
CA LYS A 158 -13.71 6.22 9.16
C LYS A 158 -13.20 5.98 10.57
N ALA A 159 -13.47 6.96 11.44
CA ALA A 159 -13.22 6.85 12.87
C ALA A 159 -13.61 5.46 13.43
N ARG A 160 -14.76 4.94 13.01
CA ARG A 160 -15.28 3.67 13.54
C ARG A 160 -14.46 2.49 13.02
N ARG A 161 -13.96 2.62 11.79
CA ARG A 161 -13.08 1.66 11.19
C ARG A 161 -11.73 1.60 11.91
N PHE A 162 -11.19 2.74 12.34
CA PHE A 162 -9.95 2.76 13.13
C PHE A 162 -10.15 2.04 14.46
N TRP A 163 -11.26 2.35 15.10
CA TRP A 163 -11.65 1.73 16.36
C TRP A 163 -11.81 0.23 16.24
N ASN A 164 -12.56 -0.22 15.22
CA ASN A 164 -12.78 -1.64 15.00
C ASN A 164 -11.47 -2.35 14.70
N PHE A 165 -10.59 -1.69 13.95
CA PHE A 165 -9.24 -2.22 13.75
C PHE A 165 -8.61 -2.48 15.10
N GLY A 166 -8.66 -1.49 15.99
CA GLY A 166 -8.16 -1.60 17.37
C GLY A 166 -8.80 -2.75 18.15
N ARG A 167 -10.11 -2.96 17.98
CA ARG A 167 -10.80 -4.10 18.60
C ARG A 167 -10.21 -5.45 18.16
N SER A 168 -10.01 -5.68 16.86
CA SER A 168 -9.38 -6.93 16.37
C SER A 168 -7.93 -7.06 16.76
N LEU A 169 -7.23 -5.93 16.73
CA LEU A 169 -5.83 -5.93 17.08
C LEU A 169 -5.67 -6.44 18.51
N ARG A 170 -6.57 -6.04 19.40
CA ARG A 170 -6.50 -6.55 20.78
C ARG A 170 -6.44 -8.08 20.81
N ARG A 171 -7.41 -8.72 20.15
CA ARG A 171 -7.49 -10.19 20.11
C ARG A 171 -6.33 -10.80 19.35
N ALA A 172 -5.82 -10.08 18.34
CA ALA A 172 -4.69 -10.51 17.54
C ALA A 172 -3.48 -10.64 18.45
N ILE A 173 -3.23 -9.60 19.25
CA ILE A 173 -2.11 -9.60 20.22
C ILE A 173 -2.29 -10.62 21.35
N GLN A 174 -3.48 -10.68 21.95
CA GLN A 174 -3.72 -11.65 23.02
C GLN A 174 -3.50 -13.09 22.56
N SER A 175 -3.96 -13.43 21.37
CA SER A 175 -3.88 -14.79 20.88
C SER A 175 -2.49 -15.21 20.42
N TYR A 176 -1.52 -14.28 20.42
CA TYR A 176 -0.16 -14.61 19.98
C TYR A 176 0.54 -15.54 20.97
N PRO A 177 1.00 -16.71 20.51
CA PRO A 177 1.40 -17.68 21.52
C PRO A 177 2.83 -17.52 22.07
N ARG A 178 3.19 -16.33 22.56
CA ARG A 178 4.34 -16.21 23.44
C ARG A 178 3.97 -15.30 24.60
N ASP A 179 4.50 -15.55 25.80
CA ASP A 179 4.24 -14.66 26.95
C ASP A 179 5.23 -13.50 26.91
N ILE A 180 4.98 -12.60 25.98
CA ILE A 180 5.66 -11.32 25.92
C ILE A 180 4.70 -10.24 26.42
N LYS A 181 5.28 -9.13 26.86
CA LYS A 181 4.51 -8.00 27.24
C LYS A 181 4.48 -7.04 26.05
N VAL A 182 3.28 -6.58 25.73
CA VAL A 182 3.09 -5.66 24.60
C VAL A 182 2.48 -4.35 25.08
N ALA A 183 3.09 -3.25 24.69
CA ALA A 183 2.46 -1.94 24.88
C ALA A 183 1.92 -1.49 23.53
N ILE A 184 0.89 -0.63 23.55
CA ILE A 184 0.38 -0.08 22.29
C ILE A 184 0.47 1.43 22.24
N ALA A 185 1.03 1.98 21.16
CA ALA A 185 1.16 3.43 21.06
C ALA A 185 0.30 4.01 19.97
N GLY A 186 -0.38 5.11 20.32
CA GLY A 186 -1.05 5.95 19.33
C GLY A 186 -0.38 7.30 19.30
N THR A 187 0.03 7.73 18.11
CA THR A 187 0.70 9.02 18.02
C THR A 187 0.01 10.01 17.08
N GLY A 188 0.37 11.28 17.22
CA GLY A 188 -0.24 12.38 16.44
C GLY A 188 -0.99 13.34 17.36
N GLY A 189 -1.53 14.43 16.81
CA GLY A 189 -2.33 15.34 17.64
C GLY A 189 -1.56 16.22 18.62
N LEU A 190 -2.26 16.95 19.48
CA LEU A 190 -3.71 17.09 19.34
C LEU A 190 -4.03 18.21 18.36
N SER A 191 -4.80 19.24 18.75
CA SER A 191 -5.19 20.25 17.73
C SER A 191 -3.99 20.92 17.08
N HIS A 192 -3.98 20.93 15.75
CA HIS A 192 -3.06 21.73 14.97
C HIS A 192 -3.50 21.81 13.50
N GLN A 193 -3.13 22.89 12.83
CA GLN A 193 -3.19 22.93 11.37
C GLN A 193 -1.92 23.58 10.85
N VAL A 194 -1.29 22.91 9.90
CA VAL A 194 0.03 23.31 9.43
C VAL A 194 0.01 23.64 7.94
N HIS A 195 -1.19 23.79 7.36
CA HIS A 195 -1.27 24.31 5.99
C HIS A 195 -2.30 25.40 5.76
N GLY A 196 -2.08 26.22 4.74
CA GLY A 196 -3.07 27.20 4.30
C GLY A 196 -3.24 28.38 5.23
N GLU A 197 -4.21 29.23 4.92
CA GLU A 197 -4.40 30.46 5.68
C GLU A 197 -4.91 30.18 7.07
N ARG A 198 -5.38 28.95 7.32
CA ARG A 198 -5.83 28.58 8.66
C ARG A 198 -4.69 27.98 9.53
N ALA A 199 -3.49 27.84 8.95
CA ALA A 199 -2.35 27.36 9.75
C ALA A 199 -2.26 28.11 11.08
N GLY A 200 -2.08 27.39 12.18
CA GLY A 200 -1.99 28.02 13.50
C GLY A 200 -3.23 27.87 14.35
N PHE A 201 -4.27 27.24 13.80
CA PHE A 201 -5.49 26.98 14.54
C PHE A 201 -5.19 26.02 15.68
N ASN A 202 -5.74 26.32 16.85
CA ASN A 202 -5.70 25.40 17.97
C ASN A 202 -7.03 25.51 18.69
N ASN A 203 -7.42 24.49 19.44
CA ASN A 203 -8.67 24.46 20.21
C ASN A 203 -8.51 23.62 21.46
N THR A 204 -7.93 24.24 22.48
CA THR A 204 -7.70 23.61 23.80
C THR A 204 -8.96 23.01 24.42
N GLU A 205 -10.09 23.68 24.23
CA GLU A 205 -11.35 23.26 24.81
C GLU A 205 -11.77 21.90 24.23
N TRP A 206 -11.64 21.76 22.91
CA TRP A 206 -11.85 20.44 22.31
C TRP A 206 -10.77 19.41 22.73
N ASP A 207 -9.50 19.79 22.69
CA ASP A 207 -8.45 18.84 23.11
C ASP A 207 -8.74 18.20 24.45
N MET A 208 -9.21 18.99 25.41
CA MET A 208 -9.58 18.50 26.73
C MET A 208 -10.77 17.58 26.68
N GLU A 209 -11.78 17.92 25.88
CA GLU A 209 -12.98 17.10 25.77
C GLU A 209 -12.58 15.78 25.15
N PHE A 210 -11.73 15.87 24.14
CA PHE A 210 -11.33 14.68 23.41
C PHE A 210 -10.53 13.72 24.32
N MET A 211 -9.68 14.30 25.17
CA MET A 211 -8.87 13.51 26.09
C MET A 211 -9.78 12.80 27.09
N GLU A 212 -10.62 13.60 27.73
CA GLU A 212 -11.67 13.09 28.59
C GLU A 212 -12.41 11.94 27.90
N ARG A 213 -13.03 12.22 26.75
CA ARG A 213 -13.88 11.23 26.09
C ARG A 213 -13.10 9.98 25.65
N LEU A 214 -11.87 10.16 25.18
CA LEU A 214 -11.06 9.04 24.76
C LEU A 214 -10.75 8.11 25.94
N ALA A 215 -10.42 8.69 27.09
CA ALA A 215 -10.13 7.89 28.29
C ALA A 215 -11.36 7.11 28.81
N ASN A 216 -12.51 7.78 28.95
CA ASN A 216 -13.65 7.24 29.71
C ASN A 216 -14.97 7.00 28.95
N ASP A 217 -15.06 7.48 27.70
CA ASP A 217 -16.25 7.19 26.88
C ASP A 217 -15.94 7.16 25.38
N PRO A 218 -14.95 6.35 24.96
CA PRO A 218 -14.44 6.46 23.58
C PRO A 218 -15.49 6.17 22.50
N GLU A 219 -16.42 5.27 22.79
CA GLU A 219 -17.50 4.98 21.85
C GLU A 219 -18.36 6.20 21.52
N SER A 220 -18.34 7.23 22.37
CA SER A 220 -19.06 8.46 22.05
C SER A 220 -18.38 9.26 20.94
N LEU A 221 -17.15 8.88 20.59
CA LEU A 221 -16.41 9.50 19.48
C LEU A 221 -16.59 8.81 18.14
N LEU A 222 -17.25 7.67 18.09
CA LEU A 222 -17.24 6.87 16.86
C LEU A 222 -18.12 7.37 15.72
N GLY A 223 -18.91 8.42 15.97
CA GLY A 223 -19.73 9.03 14.93
C GLY A 223 -19.10 10.25 14.28
N ALA A 224 -17.90 10.62 14.72
CA ALA A 224 -17.22 11.79 14.19
C ALA A 224 -16.73 11.58 12.75
N THR A 225 -17.09 12.54 11.90
CA THR A 225 -16.61 12.60 10.53
C THR A 225 -15.29 13.36 10.49
N VAL A 226 -14.64 13.35 9.34
CA VAL A 226 -13.42 14.11 9.16
C VAL A 226 -13.72 15.60 9.33
N THR A 227 -14.84 16.02 8.75
CA THR A 227 -15.33 17.36 8.90
C THR A 227 -15.47 17.75 10.36
N ASP A 228 -16.06 16.88 11.18
CA ASP A 228 -16.14 17.20 12.63
C ASP A 228 -14.75 17.40 13.22
N LEU A 229 -13.81 16.53 12.82
CA LEU A 229 -12.52 16.53 13.51
C LEU A 229 -11.64 17.70 13.09
N ALA A 230 -11.69 18.03 11.80
CA ALA A 230 -10.88 19.09 11.29
C ALA A 230 -11.44 20.44 11.72
N LYS A 231 -12.77 20.51 11.84
CA LYS A 231 -13.43 21.74 12.24
C LYS A 231 -13.08 22.05 13.69
N LYS A 232 -13.06 21.03 14.53
CA LYS A 232 -12.75 21.24 15.94
C LYS A 232 -11.24 21.27 16.27
N GLY A 233 -10.45 20.44 15.58
CA GLY A 233 -9.04 20.30 15.92
C GLY A 233 -8.06 20.76 14.87
N GLY A 234 -8.56 21.34 13.78
CA GLY A 234 -7.69 21.72 12.69
C GLY A 234 -7.48 20.54 11.76
N TRP A 235 -7.15 20.82 10.51
CA TRP A 235 -7.06 19.76 9.52
C TRP A 235 -6.19 18.59 9.95
N GLU A 236 -4.95 18.83 10.33
CA GLU A 236 -4.06 17.71 10.67
C GLU A 236 -4.39 17.13 12.04
N GLY A 237 -4.97 17.96 12.90
CA GLY A 237 -5.50 17.48 14.18
C GLY A 237 -6.38 16.23 14.06
N ALA A 238 -7.05 16.06 12.92
CA ALA A 238 -7.95 14.93 12.73
C ALA A 238 -7.25 13.56 12.70
N GLU A 239 -5.91 13.56 12.75
CA GLU A 239 -5.10 12.32 12.79
C GLU A 239 -5.31 11.55 14.10
N VAL A 240 -5.99 12.19 15.05
CA VAL A 240 -6.35 11.56 16.32
C VAL A 240 -7.19 10.31 16.15
N VAL A 241 -7.68 10.04 14.94
CA VAL A 241 -8.28 8.73 14.64
C VAL A 241 -7.33 7.58 15.06
N MET A 242 -6.02 7.82 14.97
CA MET A 242 -5.04 6.82 15.43
C MET A 242 -5.03 6.61 16.95
N TRP A 243 -5.33 7.66 17.71
CA TRP A 243 -5.51 7.53 19.15
C TRP A 243 -6.66 6.59 19.41
N LEU A 244 -7.74 6.75 18.64
CA LEU A 244 -8.89 5.83 18.70
C LEU A 244 -8.54 4.38 18.42
N LEU A 245 -7.59 4.16 17.53
CA LEU A 245 -7.24 2.79 17.16
C LEU A 245 -6.57 2.15 18.38
N MET A 246 -5.58 2.84 18.95
CA MET A 246 -4.91 2.41 20.18
C MET A 246 -5.93 2.11 21.27
N ARG A 247 -6.86 3.04 21.48
CA ARG A 247 -7.83 2.94 22.56
C ARG A 247 -8.73 1.73 22.34
N GLY A 248 -9.05 1.43 21.07
CA GLY A 248 -9.80 0.22 20.70
C GLY A 248 -9.07 -1.06 21.09
N ALA A 249 -7.75 -1.06 21.04
CA ALA A 249 -7.00 -2.24 21.45
C ALA A 249 -6.92 -2.45 22.98
N LEU A 250 -7.30 -1.46 23.76
CA LEU A 250 -7.23 -1.60 25.20
C LEU A 250 -8.52 -2.17 25.79
N SER A 251 -8.48 -2.50 27.08
CA SER A 251 -9.65 -3.04 27.78
C SER A 251 -10.76 -1.99 27.70
N PRO A 252 -12.04 -2.42 27.66
CA PRO A 252 -13.14 -1.44 27.55
C PRO A 252 -13.04 -0.29 28.57
N GLU A 253 -12.64 -0.60 29.80
CA GLU A 253 -12.27 0.42 30.81
C GLU A 253 -10.75 0.38 31.05
N VAL A 254 -10.17 1.55 31.28
CA VAL A 254 -8.74 1.67 31.55
C VAL A 254 -8.51 2.62 32.69
N LYS A 255 -7.39 2.46 33.34
CA LYS A 255 -6.98 3.41 34.36
C LYS A 255 -6.03 4.39 33.71
N THR A 256 -6.39 5.67 33.74
CA THR A 256 -5.53 6.74 33.27
C THR A 256 -4.45 6.95 34.33
N LEU A 257 -3.19 6.68 34.01
CA LEU A 257 -2.13 6.90 35.00
C LEU A 257 -1.60 8.31 34.91
N HIS A 258 -1.65 8.87 33.70
CA HIS A 258 -1.03 10.16 33.45
C HIS A 258 -1.61 10.81 32.23
N GLN A 259 -1.67 12.14 32.26
CA GLN A 259 -1.94 12.95 31.09
C GLN A 259 -1.23 14.28 31.26
N SER A 260 -0.79 14.84 30.13
CA SER A 260 -0.13 16.15 30.14
C SER A 260 -0.60 16.93 28.93
N TYR A 261 -0.48 18.25 29.01
CA TYR A 261 -0.89 19.13 27.91
C TYR A 261 -0.05 20.40 27.86
N PHE A 262 0.46 20.71 26.68
CA PHE A 262 1.37 21.84 26.52
C PHE A 262 1.26 22.41 25.10
N LEU A 263 0.97 23.71 25.01
CA LEU A 263 0.81 24.39 23.72
C LEU A 263 1.79 25.55 23.51
N PRO A 264 3.07 25.22 23.26
CA PRO A 264 4.00 26.34 23.04
C PRO A 264 3.79 26.96 21.67
N SER A 265 3.82 26.15 20.62
CA SER A 265 3.85 26.70 19.28
C SER A 265 2.63 26.27 18.46
N MET A 266 2.80 25.40 17.46
CA MET A 266 1.75 25.10 16.48
C MET A 266 0.84 23.97 16.91
N THR A 267 1.42 23.02 17.62
CA THR A 267 0.70 21.81 18.01
C THR A 267 0.44 21.71 19.52
N ALA A 268 -0.74 21.20 19.87
CA ALA A 268 -1.04 20.86 21.27
C ALA A 268 -0.34 19.55 21.59
N ILE A 269 0.74 19.65 22.36
CA ILE A 269 1.56 18.50 22.70
C ILE A 269 1.02 17.86 23.96
N ALA A 270 0.51 16.64 23.80
CA ALA A 270 -0.22 15.95 24.85
C ALA A 270 0.24 14.53 24.98
N THR A 271 0.18 13.98 26.18
CA THR A 271 0.46 12.55 26.35
C THR A 271 -0.66 11.96 27.19
N MET A 272 -1.01 10.70 26.91
CA MET A 272 -1.94 9.99 27.78
C MET A 272 -1.38 8.61 28.03
N LEU A 273 -1.46 8.16 29.29
CA LEU A 273 -0.94 6.86 29.69
C LEU A 273 -2.05 6.06 30.35
N PHE A 274 -2.34 4.91 29.75
CA PHE A 274 -3.45 4.06 30.16
C PHE A 274 -2.95 2.70 30.60
N GLU A 275 -3.46 2.25 31.75
CA GLU A 275 -3.15 0.91 32.25
C GLU A 275 -4.27 -0.05 31.84
N ASP A 276 -3.92 -1.19 31.26
CA ASP A 276 -4.93 -2.13 30.82
C ASP A 276 -5.46 -2.85 32.06
N GLN A 277 -6.72 -3.29 32.01
CA GLN A 277 -7.41 -3.87 33.18
C GLN A 277 -7.75 -5.33 32.96
N GLY A 278 -7.23 -5.92 31.88
CA GLY A 278 -7.50 -7.30 31.49
C GLY A 278 -8.92 -7.49 30.97
N ASP A 279 -9.38 -8.73 30.95
CA ASP A 279 -10.74 -9.01 30.50
C ASP A 279 -11.68 -9.45 31.63
N ALA A 280 -12.75 -8.66 31.80
CA ALA A 280 -13.80 -8.91 32.80
C ALA A 280 -14.45 -10.27 32.59
N ALA A 281 -14.92 -10.51 31.36
CA ALA A 281 -15.40 -11.83 30.90
C ALA A 281 -14.53 -12.38 29.76
N PRO A 282 -14.44 -13.72 29.62
CA PRO A 282 -13.77 -14.34 28.47
C PRO A 282 -14.27 -13.86 27.09
N PRO A 283 -13.39 -13.90 26.08
CA PRO A 283 -13.72 -13.31 24.79
C PRO A 283 -14.75 -14.11 24.02
N ALA A 284 -15.41 -13.46 23.07
CA ALA A 284 -16.41 -14.11 22.21
C ALA A 284 -15.85 -15.36 21.53
N GLU A 285 -14.59 -15.26 21.13
CA GLU A 285 -13.87 -16.31 20.47
C GLU A 285 -12.58 -16.57 21.26
N SER A 286 -12.29 -17.84 21.53
CA SER A 286 -11.07 -18.25 22.25
C SER A 286 -9.83 -17.93 21.42
N ASP A 287 -8.67 -17.75 22.07
CA ASP A 287 -7.42 -17.55 21.37
C ASP A 287 -7.19 -18.65 20.34
N GLU A 288 -7.53 -19.88 20.73
CA GLU A 288 -7.29 -21.06 19.87
C GLU A 288 -8.20 -21.06 18.64
N ALA A 289 -9.47 -20.73 18.83
CA ALA A 289 -10.41 -20.65 17.71
C ALA A 289 -10.04 -19.54 16.75
N LEU A 290 -9.51 -18.46 17.29
CA LEU A 290 -9.06 -17.30 16.49
C LEU A 290 -7.85 -17.64 15.62
N ARG A 291 -6.90 -18.36 16.23
CA ARG A 291 -5.74 -18.82 15.50
C ARG A 291 -6.18 -19.81 14.44
N ALA A 292 -7.14 -20.69 14.79
CA ALA A 292 -7.69 -21.62 13.79
C ALA A 292 -8.22 -20.83 12.59
N ARG A 293 -9.05 -19.83 12.88
CA ARG A 293 -9.63 -19.02 11.84
C ARG A 293 -8.57 -18.27 11.04
N ALA A 294 -7.51 -17.83 11.72
CA ALA A 294 -6.46 -17.04 11.08
C ALA A 294 -5.60 -17.92 10.16
N LYS A 295 -5.58 -19.22 10.42
CA LYS A 295 -4.68 -20.09 9.69
C LYS A 295 -5.35 -20.98 8.65
N ARG A 296 -6.66 -21.00 8.64
CA ARG A 296 -7.39 -21.97 7.83
C ARG A 296 -7.18 -21.84 6.31
N GLU A 297 -6.88 -20.63 5.83
CA GLU A 297 -6.68 -20.43 4.40
C GLU A 297 -5.49 -21.24 3.89
N LEU A 298 -4.43 -21.32 4.70
CA LEU A 298 -3.20 -22.05 4.35
C LEU A 298 -3.05 -23.40 5.08
N ALA A 299 -4.09 -23.81 5.80
CA ALA A 299 -4.07 -25.11 6.48
C ALA A 299 -3.94 -26.23 5.46
N GLY A 300 -3.03 -27.16 5.73
CA GLY A 300 -2.82 -28.26 4.82
C GLY A 300 -2.12 -27.84 3.55
N VAL A 301 -1.55 -26.64 3.52
CA VAL A 301 -0.71 -26.28 2.39
C VAL A 301 0.58 -27.09 2.36
N GLU A 302 1.05 -27.46 3.55
CA GLU A 302 2.19 -28.38 3.74
C GLU A 302 2.08 -29.69 2.92
N GLU A 303 0.88 -30.06 2.47
CA GLU A 303 0.73 -31.32 1.74
C GLU A 303 0.92 -31.16 0.25
N ILE A 304 1.15 -29.91 -0.18
CA ILE A 304 1.43 -29.64 -1.58
C ILE A 304 2.95 -29.72 -1.80
N GLU A 305 3.37 -30.78 -2.49
CA GLU A 305 4.78 -31.01 -2.78
C GLU A 305 5.40 -29.93 -3.71
N GLY A 306 6.73 -29.75 -3.63
CA GLY A 306 7.48 -28.87 -4.54
C GLY A 306 6.92 -27.46 -4.60
N THR A 307 6.45 -26.98 -3.44
CA THR A 307 5.73 -25.72 -3.32
C THR A 307 6.13 -24.96 -2.06
N TYR A 308 6.37 -23.67 -2.24
CA TYR A 308 6.98 -22.81 -1.23
C TYR A 308 6.21 -21.49 -1.12
N PRO A 309 5.02 -21.54 -0.48
CA PRO A 309 4.23 -20.33 -0.25
C PRO A 309 5.10 -19.16 0.20
N PHE A 310 4.93 -18.03 -0.47
CA PHE A 310 5.66 -16.81 -0.14
C PHE A 310 4.85 -16.11 0.94
N THR A 311 5.03 -16.59 2.17
CA THR A 311 4.42 -15.99 3.36
C THR A 311 5.36 -14.95 3.89
N ILE A 312 4.91 -14.24 4.92
CA ILE A 312 5.64 -13.12 5.49
C ILE A 312 7.00 -13.50 6.03
N ASP A 313 7.07 -14.64 6.71
CA ASP A 313 8.34 -15.11 7.26
C ASP A 313 9.33 -15.36 6.14
N ARG A 314 8.83 -15.88 5.02
CA ARG A 314 9.71 -16.10 3.86
C ARG A 314 10.04 -14.77 3.18
N ALA A 315 9.08 -13.84 3.17
CA ALA A 315 9.38 -12.50 2.66
C ALA A 315 10.49 -11.78 3.47
N VAL A 316 10.47 -11.94 4.79
CA VAL A 316 11.53 -11.37 5.64
C VAL A 316 12.85 -12.12 5.43
N LYS A 317 12.80 -13.45 5.47
CA LYS A 317 14.00 -14.27 5.24
C LYS A 317 14.67 -13.88 3.93
N GLY A 318 13.88 -13.76 2.86
CA GLY A 318 14.39 -13.45 1.53
C GLY A 318 14.54 -11.98 1.17
N PHE A 319 14.36 -11.09 2.14
CA PHE A 319 14.34 -9.67 1.78
C PHE A 319 15.58 -9.16 1.07
N ARG A 320 16.77 -9.42 1.63
CA ARG A 320 18.02 -8.89 1.07
C ARG A 320 18.16 -9.31 -0.39
N ILE A 321 17.98 -10.60 -0.63
CA ILE A 321 18.19 -11.15 -1.95
C ILE A 321 17.08 -10.80 -2.92
N ASN A 322 15.83 -10.79 -2.47
CA ASN A 322 14.76 -10.33 -3.34
C ASN A 322 14.96 -8.85 -3.73
N HIS A 323 15.40 -8.03 -2.76
CA HIS A 323 15.70 -6.62 -2.99
C HIS A 323 16.74 -6.44 -4.07
N PHE A 324 17.83 -7.21 -3.96
CA PHE A 324 18.93 -7.11 -4.87
C PHE A 324 18.46 -7.48 -6.29
N LEU A 325 17.74 -8.59 -6.40
CA LEU A 325 17.33 -9.07 -7.72
C LEU A 325 16.30 -8.14 -8.30
N HIS A 326 15.52 -7.52 -7.42
CA HIS A 326 14.49 -6.61 -7.84
C HIS A 326 15.09 -5.43 -8.56
N ARG A 327 16.31 -5.06 -8.19
CA ARG A 327 16.96 -3.92 -8.80
C ARG A 327 17.36 -4.18 -10.26
N LEU A 328 17.28 -5.42 -10.71
CA LEU A 328 17.49 -5.76 -12.11
C LEU A 328 16.54 -5.01 -13.04
N ILE A 329 15.48 -4.42 -12.49
CA ILE A 329 14.60 -3.61 -13.31
C ILE A 329 15.21 -2.25 -13.65
N GLU A 330 16.23 -1.84 -12.92
CA GLU A 330 16.93 -0.58 -13.21
C GLU A 330 18.00 -0.84 -14.27
N PRO A 331 17.93 -0.14 -15.42
CA PRO A 331 18.90 -0.32 -16.52
C PRO A 331 20.36 -0.29 -16.09
N ASP A 332 20.76 0.72 -15.31
CA ASP A 332 22.15 0.85 -14.89
C ASP A 332 22.60 -0.33 -14.01
N PHE A 333 21.78 -0.70 -13.03
CA PHE A 333 22.04 -1.89 -12.17
C PHE A 333 22.24 -3.17 -12.98
N ARG A 334 21.28 -3.52 -13.83
CA ARG A 334 21.39 -4.76 -14.62
C ARG A 334 22.64 -4.81 -15.53
N LYS A 335 23.05 -3.66 -16.06
CA LYS A 335 24.26 -3.59 -16.88
C LYS A 335 25.51 -3.91 -16.04
N ARG A 336 25.53 -3.47 -14.79
CA ARG A 336 26.63 -3.83 -13.92
C ARG A 336 26.56 -5.32 -13.55
N PHE A 337 25.35 -5.83 -13.39
CA PHE A 337 25.16 -7.23 -13.04
C PHE A 337 25.68 -8.19 -14.11
N VAL A 338 25.45 -7.86 -15.37
CA VAL A 338 25.93 -8.68 -16.48
C VAL A 338 27.45 -8.51 -16.66
N GLU A 339 27.92 -7.27 -16.52
CA GLU A 339 29.31 -6.94 -16.84
C GLU A 339 30.32 -7.13 -15.71
N ASP A 340 30.00 -6.67 -14.51
CA ASP A 340 30.83 -6.98 -13.34
C ASP A 340 29.99 -7.40 -12.14
N PRO A 341 29.54 -8.68 -12.13
CA PRO A 341 28.76 -9.16 -11.00
C PRO A 341 29.51 -9.09 -9.67
N GLU A 342 30.80 -9.38 -9.68
CA GLU A 342 31.57 -9.42 -8.43
C GLU A 342 31.70 -8.03 -7.82
N GLY A 343 31.86 -7.00 -8.66
CA GLY A 343 31.88 -5.63 -8.17
C GLY A 343 30.55 -5.33 -7.50
N LEU A 344 29.48 -5.76 -8.18
CA LEU A 344 28.12 -5.55 -7.67
C LEU A 344 27.89 -6.26 -6.34
N PHE A 345 28.32 -7.54 -6.26
CA PHE A 345 28.21 -8.31 -5.02
C PHE A 345 29.00 -7.67 -3.86
N ALA A 346 30.21 -7.19 -4.18
CA ALA A 346 31.09 -6.59 -3.20
C ALA A 346 30.49 -5.34 -2.56
N GLU A 347 29.74 -4.57 -3.36
CA GLU A 347 29.10 -3.35 -2.88
C GLU A 347 27.84 -3.64 -2.04
N SER A 348 27.20 -4.77 -2.32
CA SER A 348 25.89 -5.13 -1.72
C SER A 348 25.98 -5.59 -0.27
N ASP A 349 24.83 -5.80 0.36
CA ASP A 349 24.75 -6.33 1.75
C ASP A 349 24.45 -7.84 1.79
N LEU A 350 24.59 -8.51 0.66
CA LEU A 350 24.34 -9.95 0.55
C LEU A 350 25.34 -10.81 1.34
N THR A 351 24.88 -11.96 1.81
CA THR A 351 25.76 -12.92 2.47
C THR A 351 26.43 -13.77 1.40
N GLU A 352 27.48 -14.47 1.82
CA GLU A 352 28.19 -15.33 0.90
C GLU A 352 27.29 -16.41 0.25
N GLU A 353 26.42 -17.01 1.05
CA GLU A 353 25.42 -17.98 0.56
C GLU A 353 24.55 -17.36 -0.54
N GLU A 354 24.01 -16.19 -0.23
CA GLU A 354 23.21 -15.42 -1.16
C GLU A 354 23.95 -15.16 -2.49
N LYS A 355 25.20 -14.70 -2.38
CA LYS A 355 26.04 -14.45 -3.59
C LYS A 355 26.21 -15.71 -4.42
N SER A 356 26.49 -16.83 -3.77
CA SER A 356 26.66 -18.14 -4.40
C SER A 356 25.45 -18.60 -5.18
N LEU A 357 24.29 -18.44 -4.56
CA LEU A 357 23.02 -18.83 -5.17
C LEU A 357 22.86 -18.14 -6.53
N ILE A 358 23.21 -16.87 -6.58
CA ILE A 358 23.06 -16.07 -7.78
C ILE A 358 24.18 -16.37 -8.77
N ARG A 359 25.42 -16.42 -8.27
CA ARG A 359 26.61 -16.72 -9.07
C ARG A 359 26.46 -18.04 -9.85
N ASN A 360 26.06 -19.09 -9.13
CA ASN A 360 25.89 -20.44 -9.66
C ASN A 360 24.61 -20.62 -10.51
N ARG A 361 23.76 -19.58 -10.55
CA ARG A 361 22.44 -19.67 -11.20
C ARG A 361 21.72 -20.89 -10.68
N ASP A 362 21.56 -20.94 -9.37
CA ASP A 362 20.95 -22.06 -8.70
C ASP A 362 19.48 -21.78 -8.51
N TRP A 363 18.74 -22.02 -9.58
CA TRP A 363 17.33 -21.65 -9.66
C TRP A 363 16.51 -22.22 -8.51
N ILE A 364 16.48 -23.55 -8.39
CA ILE A 364 15.70 -24.20 -7.35
C ILE A 364 16.20 -23.88 -5.91
N GLY A 365 17.52 -23.72 -5.78
CA GLY A 365 18.16 -23.37 -4.50
C GLY A 365 17.70 -22.01 -4.06
N MET A 366 17.51 -21.12 -5.02
CA MET A 366 16.96 -19.82 -4.74
C MET A 366 15.50 -19.88 -4.27
N ILE A 367 14.65 -20.64 -4.95
CA ILE A 367 13.30 -20.90 -4.46
C ILE A 367 13.28 -21.45 -3.02
N HIS A 368 14.16 -22.40 -2.73
CA HIS A 368 14.22 -23.01 -1.39
C HIS A 368 14.62 -21.95 -0.36
N TYR A 369 15.54 -21.07 -0.76
CA TYR A 369 16.03 -20.03 0.12
C TYR A 369 14.96 -18.96 0.46
N GLY A 370 14.06 -18.72 -0.48
CA GLY A 370 12.98 -17.76 -0.29
C GLY A 370 12.96 -16.63 -1.31
N VAL A 371 13.64 -16.82 -2.44
CA VAL A 371 13.56 -15.87 -3.54
C VAL A 371 12.23 -16.13 -4.21
N ILE A 372 11.46 -15.08 -4.47
CA ILE A 372 10.21 -15.29 -5.19
C ILE A 372 10.52 -15.45 -6.67
N PHE A 373 9.80 -16.34 -7.34
CA PHE A 373 10.08 -16.66 -8.74
C PHE A 373 10.18 -15.45 -9.66
N PHE A 374 9.38 -14.44 -9.39
CA PHE A 374 9.31 -13.30 -10.30
C PHE A 374 10.59 -12.51 -10.31
N MET A 375 11.40 -12.64 -9.24
CA MET A 375 12.74 -12.09 -9.30
C MET A 375 13.62 -12.92 -10.27
N LEU A 376 13.46 -14.24 -10.23
CA LEU A 376 14.20 -15.13 -11.14
C LEU A 376 13.79 -14.86 -12.57
N GLU A 377 12.51 -14.57 -12.78
CA GLU A 377 11.98 -14.27 -14.12
C GLU A 377 12.68 -13.05 -14.72
N LYS A 378 12.86 -12.03 -13.88
CA LYS A 378 13.59 -10.83 -14.24
C LYS A 378 15.06 -11.16 -14.51
N MET A 379 15.66 -11.96 -13.65
CA MET A 379 17.06 -12.40 -13.82
C MET A 379 17.33 -13.18 -15.13
N ALA A 380 16.44 -14.09 -15.51
CA ALA A 380 16.61 -14.84 -16.76
C ALA A 380 16.54 -13.88 -17.93
N ALA A 381 15.53 -13.02 -17.91
CA ALA A 381 15.35 -12.00 -18.93
C ALA A 381 16.64 -11.19 -19.07
N VAL A 382 17.18 -10.71 -17.94
CA VAL A 382 18.41 -9.92 -17.95
C VAL A 382 19.56 -10.67 -18.62
N LEU A 383 19.61 -11.98 -18.39
CA LEU A 383 20.71 -12.84 -18.86
C LEU A 383 20.52 -13.40 -20.26
N GLY A 384 19.42 -13.04 -20.92
CA GLY A 384 19.17 -13.49 -22.30
C GLY A 384 18.53 -14.87 -22.42
N ILE A 385 18.08 -15.44 -21.31
CA ILE A 385 17.36 -16.71 -21.36
C ILE A 385 15.88 -16.61 -20.98
N GLY A 386 15.11 -17.66 -21.26
CA GLY A 386 13.67 -17.58 -21.08
C GLY A 386 13.17 -18.27 -19.83
N ASN A 387 11.87 -18.08 -19.59
CA ASN A 387 11.16 -18.75 -18.50
C ASN A 387 11.32 -20.27 -18.55
N ILE A 388 11.25 -20.84 -19.75
CA ILE A 388 11.38 -22.28 -19.95
C ILE A 388 12.65 -22.80 -19.29
N ASP A 389 13.77 -22.15 -19.57
CA ASP A 389 15.05 -22.50 -18.96
C ASP A 389 14.98 -22.69 -17.44
N VAL A 390 14.34 -21.74 -16.75
CA VAL A 390 14.20 -21.77 -15.30
C VAL A 390 13.27 -22.88 -14.83
N TYR A 391 12.17 -23.07 -15.58
CA TYR A 391 11.21 -24.12 -15.26
C TYR A 391 11.87 -25.51 -15.40
N ALA A 392 12.64 -25.69 -16.48
CA ALA A 392 13.37 -26.93 -16.70
C ALA A 392 14.31 -27.24 -15.53
N ALA A 393 15.08 -26.23 -15.10
CA ALA A 393 15.96 -26.40 -13.95
C ALA A 393 15.18 -26.71 -12.68
N PHE A 394 14.03 -26.06 -12.48
CA PHE A 394 13.17 -26.39 -11.35
C PHE A 394 12.91 -27.89 -11.24
N ARG A 395 12.61 -28.49 -12.37
CA ARG A 395 12.26 -29.89 -12.49
C ARG A 395 13.49 -30.81 -12.54
N GLY A 396 14.66 -30.24 -12.84
CA GLY A 396 15.89 -31.01 -12.98
C GLY A 396 15.95 -31.73 -14.31
N LEU A 397 15.33 -31.14 -15.34
CA LEU A 397 15.32 -31.73 -16.68
C LEU A 397 16.06 -30.82 -17.64
N SER A 398 16.60 -31.38 -18.72
CA SER A 398 17.07 -30.52 -19.80
C SER A 398 15.84 -29.83 -20.36
N VAL A 399 16.07 -28.75 -21.10
CA VAL A 399 15.00 -28.01 -21.76
C VAL A 399 14.22 -28.93 -22.73
N PRO A 400 14.92 -29.63 -23.65
CA PRO A 400 14.16 -30.54 -24.51
C PRO A 400 13.37 -31.58 -23.70
N GLU A 401 13.97 -32.12 -22.65
CA GLU A 401 13.23 -33.08 -21.82
C GLU A 401 12.01 -32.44 -21.13
N PHE A 402 12.17 -31.21 -20.65
CA PHE A 402 11.03 -30.49 -20.11
C PHE A 402 9.96 -30.14 -21.13
N GLN A 403 10.36 -29.74 -22.35
CA GLN A 403 9.41 -29.35 -23.40
C GLN A 403 8.46 -30.49 -23.80
N LYS A 404 8.94 -31.74 -23.66
CA LYS A 404 8.13 -32.92 -23.88
C LYS A 404 6.91 -33.04 -22.94
N THR A 405 6.98 -32.39 -21.78
CA THR A 405 5.88 -32.42 -20.84
C THR A 405 4.79 -31.39 -21.21
N ARG A 406 5.14 -30.46 -22.11
CA ARG A 406 4.20 -29.45 -22.58
C ARG A 406 3.47 -29.90 -23.85
N ASN A 407 2.31 -29.32 -24.11
CA ASN A 407 1.56 -29.64 -25.33
C ASN A 407 2.24 -29.13 -26.63
N ALA A 408 2.97 -28.02 -26.50
CA ALA A 408 3.76 -27.45 -27.59
C ALA A 408 5.09 -26.94 -27.03
N ALA A 409 6.15 -26.95 -27.85
CA ALA A 409 7.45 -26.48 -27.39
C ALA A 409 7.72 -25.06 -27.85
N ILE A 410 7.43 -24.12 -26.97
CA ILE A 410 7.61 -22.70 -27.30
C ILE A 410 8.55 -22.04 -26.30
N THR A 411 9.06 -20.88 -26.68
CA THR A 411 9.94 -20.14 -25.80
C THR A 411 9.47 -18.67 -25.68
N TYR A 412 9.65 -18.10 -24.49
CA TYR A 412 9.20 -16.73 -24.23
C TYR A 412 9.84 -16.17 -22.96
N SER A 413 9.71 -14.85 -22.79
CA SER A 413 10.27 -14.16 -21.62
C SER A 413 9.48 -12.87 -21.34
N VAL A 414 9.89 -12.13 -20.32
CA VAL A 414 9.30 -10.80 -20.01
C VAL A 414 10.07 -9.62 -20.65
N ALA A 415 11.01 -9.91 -21.56
CA ALA A 415 11.82 -8.89 -22.23
C ALA A 415 11.00 -7.87 -23.03
N GLY A 416 11.42 -6.61 -23.00
CA GLY A 416 10.75 -5.53 -23.76
C GLY A 416 11.45 -5.19 -25.07
N LYS A 417 11.62 -3.89 -25.36
CA LYS A 417 12.31 -3.43 -26.57
C LYS A 417 13.81 -3.62 -26.46
N ALA B 2 -21.73 5.09 -15.27
CA ALA B 2 -22.84 4.62 -14.39
C ALA B 2 -23.63 3.45 -14.96
N LYS B 3 -23.35 3.05 -16.21
CA LYS B 3 -23.86 1.76 -16.73
C LYS B 3 -22.76 0.71 -17.00
N ILE B 4 -22.89 -0.43 -16.33
CA ILE B 4 -21.95 -1.51 -16.53
C ILE B 4 -22.46 -2.37 -17.68
N ILE B 5 -21.61 -2.54 -18.70
CA ILE B 5 -22.02 -3.24 -19.92
C ILE B 5 -21.66 -4.71 -19.90
N GLY B 6 -20.87 -5.09 -18.91
CA GLY B 6 -20.34 -6.45 -18.85
C GLY B 6 -18.88 -6.42 -18.44
N GLY B 7 -18.20 -7.55 -18.66
CA GLY B 7 -16.81 -7.67 -18.24
C GLY B 7 -16.19 -8.89 -18.85
N PHE B 8 -14.87 -9.00 -18.75
CA PHE B 8 -14.21 -10.16 -19.30
C PHE B 8 -13.12 -10.64 -18.35
N ALA B 9 -12.80 -11.92 -18.44
CA ALA B 9 -11.70 -12.50 -17.69
C ALA B 9 -10.71 -13.03 -18.70
N VAL B 10 -9.42 -12.82 -18.47
CA VAL B 10 -8.37 -13.31 -19.38
C VAL B 10 -7.07 -13.62 -18.65
N SER B 11 -6.42 -14.70 -19.05
CA SER B 11 -5.05 -14.97 -18.62
C SER B 11 -4.17 -13.75 -18.90
N HIS B 12 -3.11 -13.59 -18.11
CA HIS B 12 -2.18 -12.50 -18.29
C HIS B 12 -0.73 -12.94 -18.46
N THR B 13 -0.49 -14.26 -18.50
CA THR B 13 0.85 -14.80 -18.81
C THR B 13 1.61 -14.01 -19.90
N PRO B 14 2.92 -13.78 -19.70
CA PRO B 14 3.81 -13.10 -20.65
C PRO B 14 3.93 -13.80 -22.01
N THR B 15 3.47 -15.05 -22.09
CA THR B 15 3.32 -15.75 -23.38
C THR B 15 2.51 -14.86 -24.33
N ILE B 16 1.43 -14.28 -23.80
CA ILE B 16 0.54 -13.43 -24.57
C ILE B 16 1.29 -12.19 -25.09
N ALA B 17 1.96 -11.47 -24.20
CA ALA B 17 2.79 -10.33 -24.56
C ALA B 17 3.85 -10.68 -25.62
N PHE B 18 4.50 -11.83 -25.43
CA PHE B 18 5.53 -12.28 -26.35
C PHE B 18 4.97 -12.56 -27.74
N ALA B 19 3.82 -13.22 -27.80
CA ALA B 19 3.11 -13.45 -29.05
C ALA B 19 2.86 -12.17 -29.84
N HIS B 20 2.36 -11.13 -29.18
CA HIS B 20 2.12 -9.83 -29.82
C HIS B 20 3.43 -9.22 -30.31
N ASP B 21 4.48 -9.32 -29.50
CA ASP B 21 5.71 -8.62 -29.78
C ASP B 21 6.56 -9.31 -30.84
N ALA B 22 6.39 -10.61 -30.98
CA ALA B 22 7.17 -11.41 -31.93
C ALA B 22 6.40 -11.74 -33.20
N ASN B 23 5.21 -11.16 -33.32
CA ASN B 23 4.26 -11.41 -34.43
C ASN B 23 4.12 -12.88 -34.74
N LYS B 24 3.69 -13.61 -33.72
CA LYS B 24 3.39 -15.02 -33.88
C LYS B 24 1.94 -15.21 -34.36
N TYR B 25 1.30 -14.11 -34.76
CA TYR B 25 -0.07 -14.09 -35.29
C TYR B 25 -0.32 -15.15 -36.35
N ASP B 26 0.59 -15.23 -37.32
CA ASP B 26 0.52 -16.14 -38.47
C ASP B 26 0.95 -17.59 -38.15
N ASP B 27 1.68 -17.79 -37.05
CA ASP B 27 2.18 -19.12 -36.68
C ASP B 27 1.08 -19.96 -36.01
N PRO B 28 0.72 -21.11 -36.63
CA PRO B 28 -0.41 -21.98 -36.20
C PRO B 28 -0.26 -22.54 -34.79
N VAL B 29 0.98 -22.62 -34.31
CA VAL B 29 1.22 -23.09 -32.95
C VAL B 29 0.76 -22.02 -31.97
N TRP B 30 0.91 -20.75 -32.33
CA TRP B 30 0.59 -19.65 -31.42
C TRP B 30 -0.80 -19.08 -31.64
N ALA B 31 -1.28 -19.20 -32.88
CA ALA B 31 -2.54 -18.60 -33.33
C ALA B 31 -3.81 -18.82 -32.47
N PRO B 32 -3.94 -19.98 -31.78
CA PRO B 32 -5.16 -20.09 -30.96
C PRO B 32 -5.32 -19.03 -29.85
N ILE B 33 -4.21 -18.42 -29.44
CA ILE B 33 -4.20 -17.29 -28.47
C ILE B 33 -5.00 -16.11 -29.05
N PHE B 34 -4.68 -15.74 -30.28
CA PHE B 34 -5.37 -14.65 -30.94
C PHE B 34 -6.83 -15.00 -31.24
N GLN B 35 -7.08 -16.23 -31.71
CA GLN B 35 -8.46 -16.65 -31.98
C GLN B 35 -9.27 -16.59 -30.69
N GLY B 36 -8.64 -17.01 -29.59
CA GLY B 36 -9.23 -16.93 -28.26
C GLY B 36 -9.60 -15.52 -27.87
N PHE B 37 -8.69 -14.56 -28.12
CA PHE B 37 -8.92 -13.17 -27.70
C PHE B 37 -9.83 -12.34 -28.61
N GLU B 38 -9.92 -12.75 -29.89
CA GLU B 38 -10.62 -11.98 -30.93
C GLU B 38 -12.06 -11.53 -30.60
N PRO B 39 -12.89 -12.45 -30.04
CA PRO B 39 -14.27 -12.00 -29.80
C PRO B 39 -14.34 -10.98 -28.69
N VAL B 40 -13.45 -11.10 -27.71
CA VAL B 40 -13.35 -10.13 -26.66
C VAL B 40 -12.90 -8.82 -27.26
N LYS B 41 -11.93 -8.91 -28.17
CA LYS B 41 -11.40 -7.72 -28.82
C LYS B 41 -12.49 -7.04 -29.64
N GLN B 42 -13.33 -7.85 -30.30
CA GLN B 42 -14.37 -7.34 -31.22
C GLN B 42 -15.49 -6.70 -30.42
N TRP B 43 -15.81 -7.34 -29.30
CA TRP B 43 -16.84 -6.84 -28.43
C TRP B 43 -16.44 -5.45 -27.89
N LEU B 44 -15.18 -5.32 -27.47
CA LEU B 44 -14.70 -4.04 -26.94
C LEU B 44 -14.69 -2.95 -28.01
N ALA B 45 -14.35 -3.33 -29.23
CA ALA B 45 -14.36 -2.36 -30.34
C ALA B 45 -15.78 -1.93 -30.69
N GLU B 46 -16.73 -2.85 -30.55
CA GLU B 46 -18.14 -2.64 -30.90
C GLU B 46 -18.94 -1.89 -29.81
N GLN B 47 -18.65 -2.19 -28.55
CA GLN B 47 -19.35 -1.60 -27.40
C GLN B 47 -18.72 -0.29 -26.93
N LYS B 48 -17.42 -0.12 -27.20
CA LYS B 48 -16.69 1.12 -26.85
C LYS B 48 -16.98 1.60 -25.42
N PRO B 49 -16.54 0.84 -24.40
CA PRO B 49 -16.68 1.40 -23.05
C PRO B 49 -15.85 2.68 -22.95
N ASP B 50 -16.34 3.64 -22.19
CA ASP B 50 -15.51 4.81 -21.90
C ASP B 50 -14.34 4.44 -21.00
N VAL B 51 -14.58 3.55 -20.04
CA VAL B 51 -13.60 3.19 -19.04
C VAL B 51 -13.70 1.70 -18.79
N THR B 52 -12.55 1.05 -18.64
CA THR B 52 -12.52 -0.33 -18.19
C THR B 52 -11.88 -0.35 -16.80
N PHE B 53 -12.66 -0.77 -15.82
CA PHE B 53 -12.08 -1.01 -14.49
C PHE B 53 -11.28 -2.30 -14.58
N TYR B 54 -9.97 -2.18 -14.35
CA TYR B 54 -9.05 -3.23 -14.71
C TYR B 54 -8.35 -3.91 -13.52
N VAL B 55 -8.75 -5.17 -13.28
CA VAL B 55 -8.28 -5.94 -12.14
C VAL B 55 -7.13 -6.89 -12.50
N TYR B 56 -5.97 -6.64 -11.90
CA TYR B 56 -4.78 -7.45 -12.16
C TYR B 56 -3.85 -7.52 -10.93
N ASN B 57 -2.80 -8.31 -11.02
CA ASN B 57 -1.75 -8.27 -10.02
C ASN B 57 -0.41 -7.99 -10.65
N ASP B 58 0.35 -7.13 -9.99
CA ASP B 58 1.73 -6.82 -10.33
C ASP B 58 2.64 -7.94 -9.80
N HIS B 59 3.61 -8.38 -10.59
CA HIS B 59 4.44 -9.51 -10.20
C HIS B 59 5.77 -9.09 -9.58
N MET B 60 5.70 -8.52 -8.36
CA MET B 60 6.85 -7.90 -7.67
C MET B 60 7.73 -7.04 -8.60
N THR B 61 7.06 -6.20 -9.41
CA THR B 61 7.74 -5.22 -10.24
C THR B 61 7.54 -3.80 -9.68
N SER B 62 6.33 -3.26 -9.77
CA SER B 62 6.12 -1.95 -9.18
C SER B 62 5.77 -2.05 -7.71
N PHE B 63 5.31 -3.22 -7.29
CA PHE B 63 4.92 -3.43 -5.88
C PHE B 63 5.78 -4.49 -5.20
N PHE B 64 6.64 -4.07 -4.27
CA PHE B 64 7.58 -5.00 -3.62
C PHE B 64 7.83 -4.72 -2.14
N GLU B 65 8.57 -3.66 -1.81
CA GLU B 65 8.92 -3.39 -0.42
C GLU B 65 7.71 -2.89 0.35
N HIS B 66 6.81 -2.26 -0.39
CA HIS B 66 5.51 -1.85 0.12
C HIS B 66 4.47 -2.55 -0.75
N TYR B 67 3.71 -3.44 -0.13
CA TYR B 67 2.85 -4.35 -0.85
C TYR B 67 1.46 -4.36 -0.21
N SER B 68 0.43 -4.03 -0.98
CA SER B 68 -0.89 -3.75 -0.44
C SER B 68 -1.91 -4.66 -1.08
N HIS B 69 -3.05 -4.79 -0.42
CA HIS B 69 -4.07 -5.72 -0.86
C HIS B 69 -4.86 -5.19 -2.02
N PHE B 70 -5.45 -4.01 -1.85
CA PHE B 70 -6.29 -3.37 -2.87
C PHE B 70 -5.73 -2.00 -3.24
N ALA B 71 -5.00 -1.96 -4.35
CA ALA B 71 -4.30 -0.77 -4.73
C ALA B 71 -4.98 -0.13 -5.93
N LEU B 72 -5.70 0.95 -5.64
CA LEU B 72 -6.43 1.68 -6.65
C LEU B 72 -5.54 2.71 -7.39
N GLY B 73 -5.42 2.51 -8.71
CA GLY B 73 -4.68 3.46 -9.56
C GLY B 73 -5.53 4.69 -9.81
N VAL B 74 -5.09 5.82 -9.27
CA VAL B 74 -5.87 7.03 -9.30
C VAL B 74 -5.33 8.10 -10.25
N GLY B 75 -4.18 7.81 -10.88
CA GLY B 75 -3.45 8.78 -11.74
C GLY B 75 -3.95 9.01 -13.15
N GLU B 76 -3.33 9.98 -13.85
CA GLU B 76 -3.70 10.37 -15.23
C GLU B 76 -3.31 9.32 -16.25
N GLU B 77 -2.09 8.80 -16.15
CA GLU B 77 -1.62 7.78 -17.09
C GLU B 77 -0.64 6.78 -16.47
N TYR B 78 -0.45 5.67 -17.19
CA TYR B 78 0.39 4.57 -16.73
C TYR B 78 1.21 4.03 -17.92
N SER B 79 2.52 4.06 -17.80
CA SER B 79 3.37 3.54 -18.86
C SER B 79 3.69 2.05 -18.60
N PRO B 80 4.26 1.34 -19.59
CA PRO B 80 4.66 -0.03 -19.23
C PRO B 80 5.86 -0.03 -18.25
N ALA B 81 5.89 -1.01 -17.37
CA ALA B 81 7.02 -1.20 -16.45
C ALA B 81 8.21 -1.90 -17.14
N ASP B 82 9.41 -1.54 -16.73
CA ASP B 82 10.60 -2.35 -17.01
C ASP B 82 10.62 -3.61 -16.14
N GLU B 83 10.63 -4.78 -16.77
CA GLU B 83 10.77 -6.03 -16.05
C GLU B 83 12.15 -6.69 -16.25
N GLY B 84 13.18 -5.91 -16.55
CA GLY B 84 14.54 -6.43 -16.67
C GLY B 84 15.05 -6.59 -18.09
N GLY B 85 14.15 -6.48 -19.06
CA GLY B 85 14.49 -6.48 -20.47
C GLY B 85 14.02 -5.21 -21.16
N GLY B 86 13.80 -4.17 -20.39
CA GLY B 86 13.32 -2.90 -20.95
C GLY B 86 11.80 -2.82 -21.03
N GLN B 87 11.28 -1.59 -21.11
CA GLN B 87 9.84 -1.31 -21.27
C GLN B 87 9.38 -1.82 -22.61
N ARG B 88 8.21 -2.44 -22.64
CA ARG B 88 7.62 -2.82 -23.92
C ARG B 88 7.29 -1.53 -24.71
N ASP B 89 7.39 -1.61 -26.04
CA ASP B 89 7.05 -0.49 -26.93
C ASP B 89 5.53 -0.27 -26.99
N LEU B 90 5.00 0.38 -25.97
CA LEU B 90 3.56 0.63 -25.84
C LEU B 90 3.36 2.05 -25.36
N PRO B 91 2.25 2.70 -25.79
CA PRO B 91 2.03 4.06 -25.33
C PRO B 91 1.35 4.02 -23.96
N PRO B 92 1.48 5.11 -23.19
CA PRO B 92 0.80 5.09 -21.90
C PRO B 92 -0.70 4.95 -22.12
N ILE B 93 -1.37 4.25 -21.22
CA ILE B 93 -2.84 4.24 -21.25
C ILE B 93 -3.36 5.33 -20.32
N LYS B 94 -4.53 5.90 -20.59
CA LYS B 94 -5.05 6.97 -19.75
C LYS B 94 -5.89 6.45 -18.59
N GLY B 95 -5.76 7.11 -17.45
CA GLY B 95 -6.51 6.74 -16.27
C GLY B 95 -7.79 7.54 -16.16
N ASP B 96 -8.49 7.41 -15.05
CA ASP B 96 -9.68 8.23 -14.81
C ASP B 96 -9.76 8.58 -13.35
N PRO B 97 -9.11 9.69 -12.97
CA PRO B 97 -9.04 10.14 -11.58
C PRO B 97 -10.40 10.44 -10.95
N GLU B 98 -11.32 10.97 -11.73
CA GLU B 98 -12.66 11.31 -11.25
C GLU B 98 -13.40 10.03 -10.91
N LEU B 99 -13.46 9.08 -11.83
CA LEU B 99 -14.10 7.81 -11.54
C LEU B 99 -13.39 7.12 -10.35
N ALA B 100 -12.05 7.19 -10.34
CA ALA B 100 -11.27 6.50 -9.32
C ALA B 100 -11.58 7.06 -7.95
N LYS B 101 -11.70 8.39 -7.88
CA LYS B 101 -12.03 9.05 -6.65
C LYS B 101 -13.40 8.58 -6.15
N HIS B 102 -14.41 8.62 -7.01
CA HIS B 102 -15.76 8.25 -6.61
C HIS B 102 -15.80 6.80 -6.09
N ILE B 103 -15.07 5.92 -6.77
CA ILE B 103 -15.00 4.52 -6.35
C ILE B 103 -14.34 4.39 -4.98
N ALA B 104 -13.20 5.07 -4.80
CA ALA B 104 -12.55 5.09 -3.50
C ALA B 104 -13.52 5.51 -2.42
N GLU B 105 -14.34 6.52 -2.71
CA GLU B 105 -15.22 7.06 -1.71
C GLU B 105 -16.29 6.05 -1.30
N CYS B 106 -16.87 5.35 -2.27
CA CYS B 106 -17.88 4.31 -1.99
C CYS B 106 -17.30 3.09 -1.28
N LEU B 107 -16.16 2.64 -1.77
CA LEU B 107 -15.48 1.49 -1.19
C LEU B 107 -15.00 1.73 0.24
N VAL B 108 -14.56 2.95 0.54
CA VAL B 108 -14.18 3.30 1.92
C VAL B 108 -15.39 3.39 2.83
N ALA B 109 -16.51 3.89 2.30
CA ALA B 109 -17.76 3.94 3.07
C ALA B 109 -18.33 2.56 3.31
N ASP B 110 -18.00 1.61 2.44
CA ASP B 110 -18.34 0.21 2.63
C ASP B 110 -17.29 -0.54 3.48
N GLU B 111 -16.32 0.20 4.04
CA GLU B 111 -15.34 -0.36 4.97
C GLU B 111 -14.40 -1.38 4.30
N PHE B 112 -13.93 -1.00 3.10
CA PHE B 112 -12.76 -1.65 2.52
C PHE B 112 -11.59 -0.70 2.70
N ASP B 113 -10.41 -1.27 2.90
CA ASP B 113 -9.19 -0.51 3.10
C ASP B 113 -8.31 -0.59 1.83
N LEU B 114 -7.90 0.58 1.38
CA LEU B 114 -7.33 0.71 0.08
C LEU B 114 -5.92 1.28 0.17
N ALA B 115 -5.25 1.23 -0.98
CA ALA B 115 -4.06 2.01 -1.24
C ALA B 115 -4.35 2.80 -2.51
N TYR B 116 -3.78 4.01 -2.60
CA TYR B 116 -3.83 4.82 -3.83
C TYR B 116 -2.45 4.94 -4.45
N TRP B 117 -2.37 4.86 -5.78
CA TRP B 117 -1.06 4.99 -6.42
C TRP B 117 -1.08 5.69 -7.75
N GLN B 118 0.03 6.35 -8.07
CA GLN B 118 0.22 7.01 -9.36
C GLN B 118 1.64 6.78 -9.81
N GLY B 119 1.90 6.93 -11.10
CA GLY B 119 3.25 7.13 -11.60
C GLY B 119 4.21 5.95 -11.56
N MET B 120 3.70 4.74 -11.30
CA MET B 120 4.51 3.55 -11.40
C MET B 120 4.08 2.73 -12.60
N GLY B 121 4.98 1.94 -13.17
CA GLY B 121 4.67 1.20 -14.39
C GLY B 121 3.68 0.06 -14.17
N LEU B 122 2.98 -0.32 -15.25
CA LEU B 122 2.18 -1.54 -15.25
C LEU B 122 3.01 -2.63 -15.87
N ASP B 123 3.17 -3.76 -15.15
CA ASP B 123 3.94 -4.89 -15.67
C ASP B 123 3.07 -5.83 -16.53
N HIS B 124 3.56 -7.04 -16.81
CA HIS B 124 2.85 -8.01 -17.68
C HIS B 124 1.45 -8.37 -17.19
N GLY B 125 1.24 -8.33 -15.88
CA GLY B 125 -0.10 -8.55 -15.32
C GLY B 125 -1.22 -7.72 -15.94
N ALA B 126 -0.90 -6.51 -16.41
CA ALA B 126 -1.87 -5.65 -17.10
C ALA B 126 -1.66 -5.62 -18.60
N PHE B 127 -0.45 -5.28 -19.02
CA PHE B 127 -0.20 -4.98 -20.44
C PHE B 127 -0.06 -6.22 -21.32
N SER B 128 0.10 -7.40 -20.72
CA SER B 128 0.27 -8.58 -21.56
C SER B 128 -1.01 -8.84 -22.39
N PRO B 129 -2.19 -8.98 -21.72
CA PRO B 129 -3.45 -9.13 -22.46
C PRO B 129 -4.01 -7.86 -23.08
N LEU B 130 -3.81 -6.71 -22.46
CA LEU B 130 -4.31 -5.45 -23.02
C LEU B 130 -3.76 -5.25 -24.41
N SER B 131 -2.52 -5.68 -24.60
CA SER B 131 -1.84 -5.47 -25.87
C SER B 131 -2.45 -6.29 -27.02
N VAL B 132 -3.23 -7.30 -26.67
CA VAL B 132 -3.89 -8.09 -27.70
C VAL B 132 -5.36 -7.71 -27.84
N LEU B 133 -5.94 -7.13 -26.80
CA LEU B 133 -7.36 -6.78 -26.74
C LEU B 133 -7.73 -5.40 -27.29
N LEU B 134 -6.75 -4.50 -27.36
CA LEU B 134 -7.01 -3.13 -27.75
C LEU B 134 -5.89 -2.58 -28.63
N PRO B 135 -6.25 -1.99 -29.79
CA PRO B 135 -5.24 -1.31 -30.63
C PRO B 135 -4.62 -0.11 -29.90
N HIS B 136 -3.32 0.07 -30.03
CA HIS B 136 -2.62 1.04 -29.20
C HIS B 136 -1.69 2.00 -29.95
N GLU B 137 -2.17 2.58 -31.04
CA GLU B 137 -1.44 3.68 -31.66
C GLU B 137 -1.89 4.99 -31.03
N HIS B 138 -0.91 5.86 -30.75
CA HIS B 138 -1.14 7.20 -30.17
C HIS B 138 -1.68 7.18 -28.73
N GLY B 139 -2.29 6.07 -28.34
CA GLY B 139 -3.00 5.92 -27.05
C GLY B 139 -3.86 4.67 -27.11
N TRP B 140 -4.92 4.63 -26.32
CA TRP B 140 -5.73 3.42 -26.22
C TRP B 140 -7.21 3.79 -26.39
N PRO B 141 -8.05 2.84 -26.85
CA PRO B 141 -9.47 3.20 -27.10
C PRO B 141 -10.27 3.67 -25.89
N CYS B 142 -9.95 3.18 -24.70
CA CYS B 142 -10.67 3.64 -23.52
C CYS B 142 -9.75 4.03 -22.41
N ARG B 143 -10.31 4.64 -21.37
CA ARG B 143 -9.61 4.86 -20.13
C ARG B 143 -9.58 3.55 -19.30
N ILE B 144 -8.59 3.41 -18.42
CA ILE B 144 -8.70 2.35 -17.42
C ILE B 144 -8.50 2.90 -16.01
N VAL B 145 -9.23 2.33 -15.07
CA VAL B 145 -8.93 2.55 -13.67
C VAL B 145 -8.35 1.23 -13.21
N PRO B 146 -7.04 1.20 -12.92
CA PRO B 146 -6.43 -0.07 -12.55
C PRO B 146 -6.70 -0.40 -11.12
N LEU B 147 -6.99 -1.66 -10.84
CA LEU B 147 -6.94 -2.16 -9.46
C LEU B 147 -5.93 -3.30 -9.37
N GLN B 148 -4.77 -2.98 -8.78
CA GLN B 148 -3.70 -3.96 -8.54
C GLN B 148 -3.97 -4.66 -7.20
N CYS B 149 -3.97 -5.98 -7.23
CA CYS B 149 -4.35 -6.79 -6.07
C CYS B 149 -3.14 -7.53 -5.53
N GLY B 150 -2.92 -7.46 -4.22
CA GLY B 150 -1.80 -8.17 -3.57
C GLY B 150 -2.06 -9.66 -3.35
N VAL B 151 -1.96 -10.45 -4.42
CA VAL B 151 -2.30 -11.85 -4.35
C VAL B 151 -1.11 -12.81 -4.11
N LEU B 152 0.10 -12.28 -4.01
CA LEU B 152 1.31 -13.14 -3.94
C LEU B 152 2.02 -13.20 -2.60
N GLN B 153 1.67 -12.35 -1.64
CA GLN B 153 2.33 -12.39 -0.33
C GLN B 153 1.32 -12.66 0.77
N HIS B 154 1.35 -13.87 1.29
CA HIS B 154 0.31 -14.34 2.18
C HIS B 154 0.58 -13.87 3.59
N PRO B 155 -0.48 -13.52 4.36
CA PRO B 155 -1.88 -13.71 3.99
C PRO B 155 -2.47 -12.64 3.07
N ILE B 156 -3.32 -13.10 2.18
CA ILE B 156 -4.06 -12.29 1.23
C ILE B 156 -5.54 -12.39 1.63
N PRO B 157 -6.37 -11.49 1.07
CA PRO B 157 -7.79 -11.47 1.46
C PRO B 157 -8.51 -12.74 1.02
N LYS B 158 -9.49 -13.19 1.79
CA LYS B 158 -10.31 -14.36 1.44
C LYS B 158 -11.06 -14.19 0.13
N ALA B 159 -11.32 -15.32 -0.52
CA ALA B 159 -12.13 -15.35 -1.74
C ALA B 159 -13.41 -14.52 -1.62
N ARG B 160 -14.10 -14.65 -0.50
CA ARG B 160 -15.35 -13.91 -0.24
C ARG B 160 -15.13 -12.40 -0.11
N ARG B 161 -13.96 -12.00 0.41
CA ARG B 161 -13.60 -10.59 0.47
C ARG B 161 -13.46 -10.03 -0.96
N PHE B 162 -12.82 -10.78 -1.85
CA PHE B 162 -12.74 -10.41 -3.25
C PHE B 162 -14.13 -10.26 -3.85
N TRP B 163 -14.96 -11.28 -3.64
CA TRP B 163 -16.37 -11.20 -4.05
C TRP B 163 -17.06 -9.95 -3.53
N ASN B 164 -16.98 -9.74 -2.22
CA ASN B 164 -17.66 -8.61 -1.62
C ASN B 164 -17.13 -7.25 -2.07
N PHE B 165 -15.85 -7.20 -2.42
CA PHE B 165 -15.29 -6.02 -3.05
C PHE B 165 -16.04 -5.74 -4.35
N GLY B 166 -16.07 -6.74 -5.25
CA GLY B 166 -16.84 -6.71 -6.50
C GLY B 166 -18.27 -6.17 -6.37
N ARG B 167 -19.04 -6.73 -5.42
CA ARG B 167 -20.39 -6.20 -5.09
C ARG B 167 -20.40 -4.71 -4.77
N SER B 168 -19.45 -4.22 -3.96
CA SER B 168 -19.41 -2.78 -3.64
C SER B 168 -19.02 -1.97 -4.86
N LEU B 169 -18.07 -2.52 -5.63
CA LEU B 169 -17.62 -1.94 -6.88
C LEU B 169 -18.80 -1.73 -7.82
N ARG B 170 -19.67 -2.75 -7.95
CA ARG B 170 -20.85 -2.60 -8.82
C ARG B 170 -21.63 -1.33 -8.48
N ARG B 171 -21.97 -1.15 -7.21
CA ARG B 171 -22.79 -0.03 -6.79
C ARG B 171 -22.07 1.29 -6.97
N ALA B 172 -20.79 1.33 -6.56
CA ALA B 172 -19.93 2.50 -6.75
C ALA B 172 -19.94 2.98 -8.21
N ILE B 173 -19.71 2.03 -9.13
CA ILE B 173 -19.70 2.34 -10.55
C ILE B 173 -21.08 2.80 -10.98
N GLN B 174 -22.11 2.07 -10.54
CA GLN B 174 -23.46 2.39 -10.95
C GLN B 174 -23.86 3.79 -10.54
N SER B 175 -23.40 4.20 -9.35
CA SER B 175 -23.82 5.43 -8.75
C SER B 175 -22.97 6.63 -9.17
N TYR B 176 -21.94 6.39 -9.97
CA TYR B 176 -21.09 7.46 -10.49
C TYR B 176 -21.91 8.37 -11.37
N PRO B 177 -21.96 9.68 -11.07
CA PRO B 177 -22.97 10.49 -11.76
C PRO B 177 -22.61 10.99 -13.17
N ARG B 178 -22.08 10.13 -14.02
CA ARG B 178 -21.85 10.48 -15.41
C ARG B 178 -22.49 9.37 -16.22
N ASP B 179 -23.13 9.74 -17.32
CA ASP B 179 -23.74 8.75 -18.18
C ASP B 179 -22.67 8.16 -19.10
N ILE B 180 -21.90 7.22 -18.58
CA ILE B 180 -20.83 6.58 -19.33
C ILE B 180 -20.92 5.05 -19.26
N LYS B 181 -20.23 4.39 -20.18
CA LYS B 181 -20.16 2.93 -20.26
C LYS B 181 -18.86 2.42 -19.63
N VAL B 182 -18.99 1.40 -18.77
CA VAL B 182 -17.87 0.78 -18.04
C VAL B 182 -17.85 -0.74 -18.21
N ALA B 183 -16.73 -1.26 -18.69
CA ALA B 183 -16.48 -2.69 -18.69
C ALA B 183 -15.59 -3.03 -17.50
N ILE B 184 -15.66 -4.28 -17.05
CA ILE B 184 -14.86 -4.75 -15.91
C ILE B 184 -14.04 -5.96 -16.29
N ALA B 185 -12.74 -5.86 -16.07
CA ALA B 185 -11.82 -6.91 -16.44
C ALA B 185 -11.17 -7.51 -15.21
N GLY B 186 -11.02 -8.83 -15.22
CA GLY B 186 -10.21 -9.54 -14.24
C GLY B 186 -9.23 -10.41 -15.02
N THR B 187 -7.94 -10.27 -14.73
CA THR B 187 -6.91 -11.02 -15.43
C THR B 187 -6.24 -12.06 -14.51
N GLY B 188 -5.53 -13.01 -15.13
CA GLY B 188 -4.80 -14.04 -14.40
C GLY B 188 -5.28 -15.45 -14.75
N GLY B 189 -4.58 -16.46 -14.23
CA GLY B 189 -4.99 -17.86 -14.40
C GLY B 189 -4.90 -18.27 -15.86
N LEU B 190 -5.48 -19.43 -16.21
CA LEU B 190 -6.07 -20.36 -15.24
C LEU B 190 -5.02 -21.21 -14.51
N SER B 191 -5.16 -22.54 -14.50
CA SER B 191 -4.23 -23.33 -13.70
C SER B 191 -2.80 -23.13 -14.21
N HIS B 192 -1.88 -23.07 -13.25
CA HIS B 192 -0.44 -23.05 -13.50
C HIS B 192 0.34 -22.94 -12.20
N GLN B 193 1.55 -23.50 -12.22
CA GLN B 193 2.53 -23.28 -11.17
C GLN B 193 3.84 -22.95 -11.82
N VAL B 194 4.38 -21.79 -11.48
CA VAL B 194 5.62 -21.36 -12.11
C VAL B 194 6.82 -21.40 -11.15
N HIS B 195 6.69 -22.14 -10.06
CA HIS B 195 7.81 -22.25 -9.12
C HIS B 195 7.91 -23.62 -8.46
N GLY B 196 9.13 -23.95 -8.03
CA GLY B 196 9.37 -25.18 -7.27
C GLY B 196 9.36 -26.38 -8.16
N GLU B 197 9.60 -27.55 -7.57
CA GLU B 197 9.61 -28.82 -8.29
C GLU B 197 8.21 -29.20 -8.82
N ARG B 198 7.19 -28.41 -8.46
CA ARG B 198 5.83 -28.65 -8.94
C ARG B 198 5.58 -27.82 -10.23
N ALA B 199 6.50 -26.90 -10.55
CA ALA B 199 6.41 -26.11 -11.77
C ALA B 199 5.96 -26.95 -12.97
N GLY B 200 4.94 -26.49 -13.67
CA GLY B 200 4.43 -27.23 -14.80
C GLY B 200 3.09 -27.90 -14.54
N PHE B 201 2.62 -27.87 -13.29
CA PHE B 201 1.27 -28.33 -12.95
C PHE B 201 0.17 -27.61 -13.74
N ASN B 202 -0.71 -28.41 -14.34
CA ASN B 202 -1.98 -27.91 -14.87
C ASN B 202 -3.09 -28.88 -14.46
N ASN B 203 -4.34 -28.39 -14.50
CA ASN B 203 -5.53 -29.20 -14.22
C ASN B 203 -6.74 -28.72 -15.04
N THR B 204 -6.86 -29.29 -16.25
CA THR B 204 -7.87 -28.89 -17.22
C THR B 204 -9.26 -29.20 -16.72
N GLU B 205 -9.43 -30.36 -16.11
CA GLU B 205 -10.68 -30.71 -15.45
C GLU B 205 -11.17 -29.60 -14.46
N TRP B 206 -10.31 -29.16 -13.55
CA TRP B 206 -10.64 -28.02 -12.67
C TRP B 206 -10.85 -26.72 -13.43
N ASP B 207 -9.99 -26.44 -14.41
CA ASP B 207 -10.20 -25.26 -15.23
C ASP B 207 -11.61 -25.16 -15.82
N MET B 208 -12.09 -26.24 -16.45
CA MET B 208 -13.46 -26.28 -17.03
C MET B 208 -14.55 -26.04 -15.99
N GLU B 209 -14.41 -26.68 -14.83
CA GLU B 209 -15.41 -26.58 -13.79
C GLU B 209 -15.43 -25.18 -13.17
N PHE B 210 -14.23 -24.65 -12.95
CA PHE B 210 -14.10 -23.30 -12.44
C PHE B 210 -14.71 -22.27 -13.39
N MET B 211 -14.47 -22.43 -14.70
CA MET B 211 -15.07 -21.57 -15.72
C MET B 211 -16.59 -21.64 -15.66
N GLU B 212 -17.09 -22.87 -15.58
CA GLU B 212 -18.52 -23.11 -15.54
C GLU B 212 -19.13 -22.49 -14.28
N ARG B 213 -18.50 -22.71 -13.14
CA ARG B 213 -19.05 -22.21 -11.89
C ARG B 213 -18.96 -20.67 -11.77
N LEU B 214 -17.89 -20.10 -12.29
CA LEU B 214 -17.69 -18.65 -12.23
C LEU B 214 -18.79 -17.96 -13.03
N ALA B 215 -19.10 -18.48 -14.20
CA ALA B 215 -20.17 -17.94 -15.03
C ALA B 215 -21.54 -18.06 -14.37
N ASN B 216 -21.87 -19.28 -13.96
CA ASN B 216 -23.25 -19.59 -13.66
C ASN B 216 -23.58 -19.79 -12.18
N ASP B 217 -22.56 -20.06 -11.36
CA ASP B 217 -22.79 -20.24 -9.92
C ASP B 217 -21.59 -19.82 -9.07
N PRO B 218 -21.14 -18.56 -9.24
CA PRO B 218 -19.96 -18.04 -8.54
C PRO B 218 -20.06 -18.11 -7.02
N GLU B 219 -21.28 -18.07 -6.47
CA GLU B 219 -21.46 -18.21 -5.03
C GLU B 219 -21.03 -19.57 -4.51
N SER B 220 -20.93 -20.55 -5.41
CA SER B 220 -20.47 -21.87 -4.99
C SER B 220 -18.97 -21.87 -4.68
N LEU B 221 -18.25 -20.87 -5.17
CA LEU B 221 -16.76 -20.81 -5.03
C LEU B 221 -16.30 -20.03 -3.80
N LEU B 222 -17.24 -19.38 -3.14
CA LEU B 222 -16.92 -18.42 -2.08
C LEU B 222 -16.35 -18.96 -0.76
N GLY B 223 -16.45 -20.27 -0.54
CA GLY B 223 -15.81 -20.94 0.61
C GLY B 223 -14.48 -21.62 0.28
N ALA B 224 -13.97 -21.41 -0.93
CA ALA B 224 -12.66 -21.98 -1.30
C ALA B 224 -11.48 -21.26 -0.61
N THR B 225 -10.52 -22.06 -0.13
CA THR B 225 -9.35 -21.52 0.55
C THR B 225 -8.24 -21.43 -0.46
N VAL B 226 -7.16 -20.75 -0.06
CA VAL B 226 -5.94 -20.69 -0.85
C VAL B 226 -5.46 -22.12 -1.16
N THR B 227 -5.44 -22.94 -0.11
CA THR B 227 -5.02 -24.33 -0.21
C THR B 227 -5.86 -25.09 -1.25
N ASP B 228 -7.19 -24.95 -1.17
CA ASP B 228 -8.07 -25.57 -2.15
C ASP B 228 -7.67 -25.15 -3.56
N LEU B 229 -7.58 -23.84 -3.78
CA LEU B 229 -7.28 -23.32 -5.10
C LEU B 229 -5.85 -23.66 -5.59
N ALA B 230 -4.89 -23.77 -4.68
CA ALA B 230 -3.51 -24.09 -5.08
C ALA B 230 -3.35 -25.58 -5.42
N LYS B 231 -4.05 -26.42 -4.67
CA LYS B 231 -4.03 -27.86 -4.88
C LYS B 231 -4.65 -28.20 -6.24
N LYS B 232 -5.77 -27.57 -6.55
CA LYS B 232 -6.50 -27.87 -7.78
C LYS B 232 -5.92 -27.21 -9.03
N GLY B 233 -5.42 -25.98 -8.92
CA GLY B 233 -4.94 -25.23 -10.10
C GLY B 233 -3.52 -24.67 -10.07
N GLY B 234 -2.65 -25.22 -9.22
CA GLY B 234 -1.27 -24.74 -9.10
C GLY B 234 -1.21 -23.55 -8.18
N TRP B 235 -0.05 -23.32 -7.55
CA TRP B 235 0.12 -22.21 -6.59
C TRP B 235 -0.27 -20.82 -7.14
N GLU B 236 0.25 -20.46 -8.31
CA GLU B 236 -0.10 -19.18 -8.90
C GLU B 236 -1.47 -19.15 -9.56
N GLY B 237 -1.99 -20.31 -9.99
CA GLY B 237 -3.37 -20.45 -10.48
C GLY B 237 -4.41 -19.92 -9.49
N ALA B 238 -4.10 -19.93 -8.19
CA ALA B 238 -4.98 -19.38 -7.16
C ALA B 238 -5.16 -17.86 -7.29
N GLU B 239 -4.49 -17.24 -8.25
CA GLU B 239 -4.76 -15.81 -8.55
C GLU B 239 -6.19 -15.57 -9.07
N VAL B 240 -6.91 -16.65 -9.40
CA VAL B 240 -8.28 -16.53 -9.93
C VAL B 240 -9.29 -15.94 -8.96
N VAL B 241 -8.91 -15.69 -7.71
CA VAL B 241 -9.79 -14.88 -6.87
C VAL B 241 -10.09 -13.54 -7.57
N MET B 242 -9.17 -13.09 -8.43
CA MET B 242 -9.41 -11.84 -9.12
C MET B 242 -10.55 -11.96 -10.11
N TRP B 243 -10.78 -13.17 -10.62
CA TRP B 243 -11.97 -13.43 -11.44
C TRP B 243 -13.25 -13.33 -10.63
N LEU B 244 -13.20 -13.69 -9.35
CA LEU B 244 -14.34 -13.53 -8.48
C LEU B 244 -14.68 -12.07 -8.19
N LEU B 245 -13.66 -11.21 -8.12
CA LEU B 245 -13.91 -9.79 -7.89
C LEU B 245 -14.68 -9.20 -9.08
N MET B 246 -14.14 -9.33 -10.29
CA MET B 246 -14.81 -8.89 -11.51
C MET B 246 -16.22 -9.48 -11.60
N ARG B 247 -16.37 -10.78 -11.34
CA ARG B 247 -17.65 -11.46 -11.49
C ARG B 247 -18.68 -10.93 -10.50
N GLY B 248 -18.20 -10.56 -9.31
CA GLY B 248 -19.05 -9.97 -8.27
C GLY B 248 -19.54 -8.58 -8.63
N ALA B 249 -18.80 -7.93 -9.51
CA ALA B 249 -19.18 -6.61 -9.95
C ALA B 249 -20.22 -6.67 -11.10
N LEU B 250 -20.43 -7.87 -11.63
CA LEU B 250 -21.39 -8.07 -12.71
C LEU B 250 -22.77 -8.42 -12.13
N SER B 251 -23.77 -8.56 -13.01
CA SER B 251 -25.13 -8.91 -12.58
C SER B 251 -25.18 -10.34 -12.04
N PRO B 252 -26.09 -10.64 -11.09
CA PRO B 252 -26.13 -11.98 -10.50
C PRO B 252 -26.11 -13.10 -11.55
N GLU B 253 -26.86 -12.91 -12.63
CA GLU B 253 -26.78 -13.79 -13.81
C GLU B 253 -26.15 -13.03 -14.98
N VAL B 254 -25.35 -13.74 -15.78
CA VAL B 254 -24.75 -13.15 -16.98
C VAL B 254 -24.94 -14.01 -18.22
N LYS B 255 -24.90 -13.36 -19.38
CA LYS B 255 -24.83 -14.04 -20.66
C LYS B 255 -23.36 -14.28 -20.97
N THR B 256 -22.97 -15.53 -21.11
CA THR B 256 -21.62 -15.82 -21.54
C THR B 256 -21.56 -15.67 -23.07
N LEU B 257 -20.94 -14.59 -23.53
CA LEU B 257 -20.90 -14.31 -24.97
C LEU B 257 -19.88 -15.19 -25.65
N HIS B 258 -18.80 -15.49 -24.93
CA HIS B 258 -17.68 -16.21 -25.49
C HIS B 258 -16.80 -16.78 -24.39
N GLN B 259 -16.17 -17.91 -24.68
CA GLN B 259 -15.13 -18.47 -23.82
C GLN B 259 -14.13 -19.24 -24.66
N SER B 260 -12.89 -19.28 -24.20
CA SER B 260 -11.83 -19.95 -24.93
C SER B 260 -10.86 -20.61 -23.97
N TYR B 261 -10.26 -21.68 -24.42
CA TYR B 261 -9.33 -22.40 -23.62
C TYR B 261 -8.19 -22.96 -24.46
N PHE B 262 -6.95 -22.61 -24.07
CA PHE B 262 -5.75 -23.06 -24.78
C PHE B 262 -4.55 -23.27 -23.82
N LEU B 263 -4.02 -24.48 -23.80
CA LEU B 263 -2.85 -24.81 -23.01
C LEU B 263 -1.64 -25.18 -23.85
N PRO B 264 -0.90 -24.19 -24.42
CA PRO B 264 0.34 -24.60 -25.14
C PRO B 264 1.53 -24.93 -24.25
N SER B 265 1.69 -24.21 -23.15
CA SER B 265 2.90 -24.32 -22.37
C SER B 265 2.68 -24.44 -20.88
N MET B 266 3.05 -23.42 -20.11
CA MET B 266 2.96 -23.50 -18.66
C MET B 266 1.56 -23.21 -18.16
N THR B 267 0.83 -22.42 -18.95
CA THR B 267 -0.42 -21.79 -18.47
C THR B 267 -1.63 -22.08 -19.33
N ALA B 268 -2.71 -22.43 -18.66
CA ALA B 268 -4.04 -22.53 -19.24
C ALA B 268 -4.52 -21.14 -19.64
N ILE B 269 -4.47 -20.85 -20.95
CA ILE B 269 -4.85 -19.53 -21.44
C ILE B 269 -6.30 -19.55 -21.85
N ALA B 270 -7.06 -18.73 -21.15
CA ALA B 270 -8.51 -18.78 -21.22
C ALA B 270 -9.06 -17.37 -21.27
N THR B 271 -10.21 -17.23 -21.91
CA THR B 271 -10.98 -15.97 -21.88
C THR B 271 -12.44 -16.28 -21.61
N MET B 272 -13.14 -15.29 -21.07
CA MET B 272 -14.55 -15.40 -20.79
C MET B 272 -15.12 -13.99 -20.98
N LEU B 273 -16.27 -13.90 -21.64
CA LEU B 273 -16.86 -12.61 -21.95
C LEU B 273 -18.30 -12.61 -21.49
N PHE B 274 -18.66 -11.61 -20.72
CA PHE B 274 -19.95 -11.59 -20.08
C PHE B 274 -20.73 -10.34 -20.40
N GLU B 275 -21.98 -10.52 -20.80
CA GLU B 275 -22.85 -9.39 -20.99
C GLU B 275 -23.63 -9.17 -19.69
N ASP B 276 -23.54 -7.97 -19.16
CA ASP B 276 -24.33 -7.67 -17.97
C ASP B 276 -25.80 -7.74 -18.35
N GLN B 277 -26.64 -8.17 -17.42
CA GLN B 277 -28.06 -8.33 -17.68
C GLN B 277 -28.86 -7.31 -16.92
N GLY B 278 -28.15 -6.44 -16.20
CA GLY B 278 -28.78 -5.39 -15.41
C GLY B 278 -29.18 -5.95 -14.06
N ASP B 279 -29.80 -5.11 -13.24
CA ASP B 279 -30.32 -5.55 -11.96
C ASP B 279 -31.76 -6.00 -12.14
N ALA B 280 -32.02 -7.26 -11.82
CA ALA B 280 -33.41 -7.71 -11.66
C ALA B 280 -34.03 -7.04 -10.41
N ALA B 281 -33.33 -7.14 -9.29
CA ALA B 281 -33.79 -6.51 -8.06
C ALA B 281 -33.35 -5.04 -8.00
N PRO B 282 -34.21 -4.17 -7.45
CA PRO B 282 -33.77 -2.82 -7.04
C PRO B 282 -32.63 -2.91 -6.01
N PRO B 283 -31.78 -1.87 -5.90
CA PRO B 283 -30.71 -1.95 -4.91
C PRO B 283 -31.15 -1.60 -3.50
N ALA B 284 -30.51 -2.23 -2.53
CA ALA B 284 -30.80 -1.97 -1.12
C ALA B 284 -30.71 -0.49 -0.77
N GLU B 285 -29.92 0.24 -1.56
CA GLU B 285 -29.66 1.66 -1.36
C GLU B 285 -29.63 2.31 -2.74
N SER B 286 -30.46 3.35 -2.94
CA SER B 286 -30.52 4.11 -4.19
C SER B 286 -29.21 4.86 -4.48
N ASP B 287 -28.89 5.07 -5.76
CA ASP B 287 -27.72 5.86 -6.15
C ASP B 287 -27.60 7.16 -5.37
N GLU B 288 -28.71 7.89 -5.25
CA GLU B 288 -28.80 9.16 -4.53
C GLU B 288 -28.28 8.99 -3.10
N ALA B 289 -28.84 8.00 -2.41
CA ALA B 289 -28.48 7.71 -1.04
C ALA B 289 -27.03 7.18 -0.89
N LEU B 290 -26.53 6.43 -1.87
CA LEU B 290 -25.15 5.97 -1.77
C LEU B 290 -24.18 7.14 -1.93
N ARG B 291 -24.53 8.06 -2.83
CA ARG B 291 -23.67 9.20 -3.14
C ARG B 291 -23.56 10.08 -1.93
N ALA B 292 -24.66 10.24 -1.19
CA ALA B 292 -24.65 11.02 0.05
C ALA B 292 -23.89 10.29 1.17
N ARG B 293 -24.03 8.97 1.24
CA ARG B 293 -23.25 8.20 2.21
C ARG B 293 -21.71 8.20 1.90
N ALA B 294 -21.34 8.20 0.62
CA ALA B 294 -19.93 8.29 0.22
C ALA B 294 -19.25 9.64 0.53
N LYS B 295 -20.03 10.72 0.49
CA LYS B 295 -19.50 12.04 0.72
C LYS B 295 -19.70 12.55 2.14
N ARG B 296 -20.28 11.72 3.02
CA ARG B 296 -20.64 12.21 4.36
C ARG B 296 -19.44 12.53 5.29
N GLU B 297 -18.31 11.86 5.07
CA GLU B 297 -17.08 12.15 5.83
C GLU B 297 -16.57 13.59 5.61
N LEU B 298 -16.69 14.09 4.38
CA LEU B 298 -16.22 15.44 4.02
C LEU B 298 -17.37 16.41 3.66
N ALA B 299 -18.59 16.02 3.99
CA ALA B 299 -19.73 16.92 3.85
C ALA B 299 -19.53 18.09 4.82
N GLY B 300 -19.62 19.30 4.30
CA GLY B 300 -19.42 20.50 5.10
C GLY B 300 -17.97 21.01 5.17
N VAL B 301 -17.04 20.26 4.57
CA VAL B 301 -15.61 20.61 4.63
C VAL B 301 -15.26 21.93 3.93
N GLU B 302 -16.06 22.33 2.95
CA GLU B 302 -15.83 23.58 2.22
C GLU B 302 -16.08 24.81 3.08
N GLU B 303 -16.84 24.63 4.16
CA GLU B 303 -17.05 25.69 5.15
C GLU B 303 -15.79 26.05 5.97
N ILE B 304 -14.76 25.21 5.88
CA ILE B 304 -13.53 25.44 6.64
C ILE B 304 -12.61 26.29 5.78
N GLU B 305 -12.45 27.56 6.16
CA GLU B 305 -11.63 28.48 5.37
C GLU B 305 -10.13 28.15 5.49
N GLY B 306 -9.35 28.59 4.52
CA GLY B 306 -7.90 28.45 4.56
C GLY B 306 -7.42 27.03 4.76
N THR B 307 -8.13 26.10 4.14
CA THR B 307 -7.93 24.66 4.29
C THR B 307 -8.11 24.03 2.93
N TYR B 308 -7.15 23.21 2.51
CA TYR B 308 -7.16 22.58 1.19
C TYR B 308 -7.04 21.06 1.35
N PRO B 309 -8.16 20.39 1.69
CA PRO B 309 -8.16 18.94 1.86
C PRO B 309 -7.41 18.24 0.74
N PHE B 310 -6.50 17.32 1.08
CA PHE B 310 -5.71 16.59 0.09
C PHE B 310 -6.52 15.36 -0.31
N THR B 311 -7.52 15.59 -1.15
CA THR B 311 -8.31 14.52 -1.71
C THR B 311 -7.60 14.00 -2.96
N ILE B 312 -8.15 12.93 -3.53
CA ILE B 312 -7.53 12.27 -4.68
C ILE B 312 -7.34 13.23 -5.85
N ASP B 313 -8.34 14.06 -6.14
CA ASP B 313 -8.22 15.03 -7.24
C ASP B 313 -7.02 15.96 -7.07
N ARG B 314 -6.79 16.38 -5.84
CA ARG B 314 -5.69 17.28 -5.51
C ARG B 314 -4.36 16.55 -5.59
N ALA B 315 -4.36 15.27 -5.18
CA ALA B 315 -3.16 14.45 -5.24
C ALA B 315 -2.70 14.27 -6.68
N VAL B 316 -3.67 14.16 -7.59
CA VAL B 316 -3.43 13.95 -9.00
C VAL B 316 -2.99 15.27 -9.64
N LYS B 317 -3.73 16.35 -9.32
CA LYS B 317 -3.35 17.68 -9.80
C LYS B 317 -1.92 18.04 -9.38
N GLY B 318 -1.55 17.77 -8.13
CA GLY B 318 -0.23 18.14 -7.66
C GLY B 318 0.84 17.07 -7.83
N PHE B 319 0.54 16.03 -8.61
CA PHE B 319 1.43 14.87 -8.61
C PHE B 319 2.87 15.20 -9.01
N ARG B 320 3.06 15.83 -10.17
CA ARG B 320 4.40 16.10 -10.71
C ARG B 320 5.25 16.90 -9.74
N ILE B 321 4.64 17.92 -9.13
CA ILE B 321 5.39 18.85 -8.32
C ILE B 321 5.72 18.19 -6.97
N ASN B 322 4.71 17.58 -6.34
CA ASN B 322 4.93 16.77 -5.13
C ASN B 322 6.05 15.74 -5.37
N HIS B 323 6.02 15.06 -6.51
CA HIS B 323 6.99 14.00 -6.81
C HIS B 323 8.42 14.54 -6.91
N PHE B 324 8.54 15.75 -7.47
CA PHE B 324 9.80 16.45 -7.61
C PHE B 324 10.33 16.92 -6.24
N LEU B 325 9.47 17.56 -5.46
CA LEU B 325 9.84 18.02 -4.13
C LEU B 325 10.12 16.85 -3.20
N HIS B 326 9.44 15.74 -3.43
CA HIS B 326 9.66 14.54 -2.65
C HIS B 326 11.09 14.00 -2.80
N ARG B 327 11.68 14.16 -3.99
CA ARG B 327 13.04 13.69 -4.23
C ARG B 327 14.10 14.47 -3.45
N LEU B 328 13.69 15.54 -2.78
CA LEU B 328 14.62 16.32 -1.95
C LEU B 328 15.15 15.50 -0.78
N ILE B 329 14.51 14.37 -0.49
CA ILE B 329 15.00 13.44 0.54
C ILE B 329 16.20 12.63 0.04
N GLU B 330 16.47 12.67 -1.27
CA GLU B 330 17.64 12.02 -1.87
C GLU B 330 18.81 12.98 -1.80
N PRO B 331 19.91 12.57 -1.14
CA PRO B 331 20.99 13.56 -0.92
C PRO B 331 21.59 14.17 -2.20
N ASP B 332 21.77 13.35 -3.23
CA ASP B 332 22.29 13.86 -4.51
C ASP B 332 21.35 14.81 -5.24
N PHE B 333 20.05 14.61 -5.06
CA PHE B 333 19.01 15.44 -5.68
C PHE B 333 18.92 16.82 -5.01
N ARG B 334 18.96 16.86 -3.69
CA ARG B 334 18.81 18.14 -2.99
C ARG B 334 20.08 18.97 -3.05
N LYS B 335 21.21 18.30 -3.25
CA LYS B 335 22.47 18.97 -3.55
C LYS B 335 22.38 19.76 -4.86
N ARG B 336 21.92 19.09 -5.93
CA ARG B 336 21.68 19.73 -7.24
C ARG B 336 20.61 20.83 -7.21
N PHE B 337 19.63 20.70 -6.32
CA PHE B 337 18.58 21.69 -6.14
C PHE B 337 19.10 23.01 -5.55
N VAL B 338 20.01 22.92 -4.58
CA VAL B 338 20.63 24.10 -3.99
C VAL B 338 21.70 24.69 -4.92
N GLU B 339 22.55 23.83 -5.46
CA GLU B 339 23.68 24.25 -6.29
C GLU B 339 23.37 24.66 -7.72
N ASP B 340 22.54 23.87 -8.42
CA ASP B 340 22.21 24.16 -9.81
C ASP B 340 20.71 23.96 -10.09
N PRO B 341 19.86 24.74 -9.41
CA PRO B 341 18.40 24.50 -9.54
C PRO B 341 17.91 24.54 -10.98
N GLU B 342 18.46 25.44 -11.77
CA GLU B 342 18.03 25.60 -13.16
C GLU B 342 18.34 24.35 -14.01
N GLY B 343 19.48 23.72 -13.71
CA GLY B 343 19.84 22.45 -14.32
C GLY B 343 18.84 21.37 -13.97
N LEU B 344 18.34 21.38 -12.74
CA LEU B 344 17.34 20.38 -12.29
C LEU B 344 15.95 20.60 -12.92
N PHE B 345 15.52 21.86 -12.98
CA PHE B 345 14.29 22.22 -13.69
C PHE B 345 14.34 21.87 -15.17
N ALA B 346 15.46 22.22 -15.83
CA ALA B 346 15.59 21.97 -17.27
C ALA B 346 15.42 20.49 -17.59
N GLU B 347 15.70 19.64 -16.61
CA GLU B 347 15.62 18.20 -16.80
C GLU B 347 14.30 17.57 -16.38
N SER B 348 13.48 18.31 -15.64
CA SER B 348 12.24 17.78 -15.05
C SER B 348 11.04 17.78 -16.02
N ASP B 349 9.94 17.15 -15.60
CA ASP B 349 8.71 17.18 -16.38
C ASP B 349 7.75 18.29 -15.88
N LEU B 350 8.29 19.23 -15.10
CA LEU B 350 7.50 20.33 -14.52
C LEU B 350 7.05 21.32 -15.56
N THR B 351 5.85 21.88 -15.37
CA THR B 351 5.38 22.99 -16.20
C THR B 351 6.14 24.22 -15.73
N GLU B 352 6.16 25.26 -16.56
CA GLU B 352 6.71 26.57 -16.17
C GLU B 352 6.06 27.11 -14.88
N GLU B 353 4.77 26.91 -14.71
CA GLU B 353 4.07 27.42 -13.55
C GLU B 353 4.57 26.73 -12.28
N GLU B 354 4.83 25.43 -12.37
CA GLU B 354 5.33 24.66 -11.24
C GLU B 354 6.74 25.12 -10.85
N LYS B 355 7.60 25.29 -11.86
CA LYS B 355 8.97 25.73 -11.64
C LYS B 355 9.00 27.07 -10.92
N SER B 356 8.11 27.95 -11.39
CA SER B 356 8.05 29.29 -10.91
C SER B 356 7.61 29.38 -9.44
N LEU B 357 6.60 28.61 -9.06
CA LEU B 357 6.20 28.50 -7.66
C LEU B 357 7.37 28.08 -6.77
N ILE B 358 8.09 27.03 -7.16
CA ILE B 358 9.28 26.60 -6.40
C ILE B 358 10.34 27.70 -6.38
N ARG B 359 10.65 28.24 -7.56
CA ARG B 359 11.71 29.24 -7.75
C ARG B 359 11.43 30.48 -6.93
N ASN B 360 10.16 30.87 -6.87
CA ASN B 360 9.78 32.04 -6.08
C ASN B 360 9.63 31.75 -4.60
N ARG B 361 9.70 30.47 -4.21
CA ARG B 361 9.43 30.04 -2.81
C ARG B 361 8.05 30.52 -2.40
N ASP B 362 7.11 30.29 -3.30
CA ASP B 362 5.76 30.78 -3.11
C ASP B 362 4.99 29.78 -2.22
N TRP B 363 5.22 29.92 -0.91
CA TRP B 363 4.66 28.99 0.07
C TRP B 363 3.15 28.78 -0.09
N ILE B 364 2.38 29.85 0.09
CA ILE B 364 0.91 29.71 -0.06
C ILE B 364 0.52 29.34 -1.50
N GLY B 365 1.25 29.87 -2.48
CA GLY B 365 0.99 29.55 -3.89
C GLY B 365 1.02 28.06 -4.16
N MET B 366 1.94 27.37 -3.47
CA MET B 366 2.13 25.94 -3.64
C MET B 366 1.02 25.12 -2.96
N ILE B 367 0.70 25.44 -1.70
CA ILE B 367 -0.47 24.87 -1.04
C ILE B 367 -1.71 25.00 -1.93
N HIS B 368 -1.98 26.22 -2.42
CA HIS B 368 -3.11 26.48 -3.33
C HIS B 368 -3.13 25.54 -4.54
N TYR B 369 -1.94 25.34 -5.11
CA TYR B 369 -1.77 24.56 -6.33
C TYR B 369 -2.03 23.04 -6.14
N GLY B 370 -1.78 22.51 -4.95
CA GLY B 370 -1.97 21.08 -4.69
C GLY B 370 -0.78 20.41 -4.03
N VAL B 371 0.26 21.20 -3.71
CA VAL B 371 1.41 20.70 -2.95
C VAL B 371 1.00 20.41 -1.50
N ILE B 372 1.34 19.22 -1.01
CA ILE B 372 1.01 18.88 0.37
C ILE B 372 2.08 19.51 1.26
N PHE B 373 1.66 20.14 2.36
CA PHE B 373 2.60 20.86 3.20
C PHE B 373 3.89 20.07 3.44
N PHE B 374 3.77 18.77 3.65
CA PHE B 374 4.96 18.00 3.99
C PHE B 374 6.05 18.04 2.92
N MET B 375 5.68 18.27 1.67
CA MET B 375 6.72 18.54 0.68
C MET B 375 7.39 19.90 0.98
N LEU B 376 6.61 20.86 1.44
CA LEU B 376 7.17 22.17 1.76
C LEU B 376 8.05 22.11 3.01
N GLU B 377 7.62 21.31 3.98
CA GLU B 377 8.40 21.05 5.19
C GLU B 377 9.82 20.58 4.86
N LYS B 378 9.95 19.69 3.89
CA LYS B 378 11.24 19.13 3.49
C LYS B 378 12.08 20.19 2.74
N MET B 379 11.43 20.91 1.82
CA MET B 379 12.07 21.98 1.07
C MET B 379 12.64 23.01 2.05
N ALA B 380 11.87 23.34 3.08
CA ALA B 380 12.30 24.26 4.12
C ALA B 380 13.61 23.78 4.75
N ALA B 381 13.64 22.50 5.12
CA ALA B 381 14.82 21.87 5.72
C ALA B 381 16.03 22.00 4.79
N VAL B 382 15.82 21.64 3.53
CA VAL B 382 16.85 21.77 2.49
C VAL B 382 17.45 23.17 2.46
N LEU B 383 16.61 24.19 2.62
CA LEU B 383 17.07 25.57 2.51
C LEU B 383 17.56 26.15 3.83
N GLY B 384 17.56 25.31 4.86
CA GLY B 384 18.10 25.66 6.16
C GLY B 384 17.24 26.65 6.89
N ILE B 385 15.97 26.74 6.46
CA ILE B 385 14.97 27.60 7.14
C ILE B 385 13.93 26.71 7.82
N GLY B 386 13.32 27.19 8.89
CA GLY B 386 12.39 26.39 9.68
C GLY B 386 10.90 26.42 9.31
N ASN B 387 10.12 25.57 9.97
CA ASN B 387 8.66 25.47 9.76
C ASN B 387 7.93 26.80 9.98
N ILE B 388 8.29 27.50 11.06
CA ILE B 388 7.66 28.79 11.39
C ILE B 388 7.76 29.79 10.24
N ASP B 389 8.84 29.71 9.47
CA ASP B 389 8.97 30.57 8.30
C ASP B 389 7.83 30.29 7.32
N VAL B 390 7.54 29.02 7.09
CA VAL B 390 6.49 28.63 6.17
C VAL B 390 5.09 29.00 6.66
N TYR B 391 4.82 28.69 7.92
CA TYR B 391 3.53 29.06 8.50
C TYR B 391 3.28 30.55 8.42
N ALA B 392 4.27 31.38 8.76
CA ALA B 392 4.09 32.83 8.69
C ALA B 392 3.80 33.21 7.24
N ALA B 393 4.52 32.62 6.31
CA ALA B 393 4.20 32.90 4.92
C ALA B 393 2.73 32.53 4.59
N PHE B 394 2.21 31.42 5.12
CA PHE B 394 0.82 31.02 4.84
C PHE B 394 -0.15 32.04 5.37
N ARG B 395 0.20 32.67 6.49
CA ARG B 395 -0.68 33.65 7.10
C ARG B 395 -0.50 35.08 6.54
N GLY B 396 0.41 35.25 5.57
CA GLY B 396 0.71 36.56 5.03
C GLY B 396 1.34 37.51 6.05
N LEU B 397 2.08 36.96 7.02
CA LEU B 397 2.67 37.72 8.12
C LEU B 397 4.17 37.57 8.18
N SER B 398 4.85 38.58 8.72
CA SER B 398 6.25 38.46 9.10
C SER B 398 6.36 37.36 10.17
N VAL B 399 7.53 36.72 10.24
CA VAL B 399 7.77 35.77 11.31
C VAL B 399 7.48 36.39 12.68
N PRO B 400 8.02 37.61 12.96
CA PRO B 400 7.72 38.23 14.26
C PRO B 400 6.24 38.41 14.52
N GLU B 401 5.50 38.88 13.51
CA GLU B 401 4.07 39.08 13.70
C GLU B 401 3.37 37.74 13.90
N PHE B 402 3.75 36.74 13.11
CA PHE B 402 3.15 35.43 13.30
C PHE B 402 3.42 34.88 14.70
N GLN B 403 4.67 35.03 15.16
CA GLN B 403 5.11 34.52 16.45
C GLN B 403 4.31 35.06 17.64
N LYS B 404 3.82 36.29 17.51
CA LYS B 404 2.86 36.88 18.44
C LYS B 404 1.56 36.08 18.60
N THR B 405 1.19 35.27 17.61
CA THR B 405 0.00 34.43 17.76
C THR B 405 0.26 33.17 18.58
N ARG B 406 1.54 32.85 18.81
CA ARG B 406 1.88 31.67 19.59
C ARG B 406 2.04 31.99 21.07
N ASN B 407 1.85 30.98 21.94
CA ASN B 407 2.05 31.13 23.38
C ASN B 407 3.54 31.27 23.74
N ALA B 408 4.41 30.76 22.86
CA ALA B 408 5.85 30.91 23.01
C ALA B 408 6.47 31.11 21.65
N ALA B 409 7.57 31.84 21.61
CA ALA B 409 8.32 32.10 20.39
C ALA B 409 9.46 31.09 20.28
N ILE B 410 9.26 30.05 19.46
CA ILE B 410 10.28 29.00 19.29
C ILE B 410 10.39 28.60 17.83
N THR B 411 11.45 27.85 17.56
CA THR B 411 11.75 27.44 16.21
C THR B 411 12.17 25.96 16.17
N TYR B 412 11.93 25.30 15.04
CA TYR B 412 12.24 23.89 14.88
C TYR B 412 12.21 23.48 13.41
N SER B 413 12.75 22.31 13.10
CA SER B 413 12.64 21.76 11.75
C SER B 413 12.65 20.22 11.76
N VAL B 414 12.54 19.60 10.60
CA VAL B 414 12.65 18.14 10.49
C VAL B 414 14.10 17.70 10.19
N ALA B 415 15.05 18.63 10.30
CA ALA B 415 16.45 18.36 9.92
C ALA B 415 17.09 17.33 10.84
N GLY B 416 17.91 16.45 10.28
CA GLY B 416 18.58 15.44 11.08
C GLY B 416 20.01 15.83 11.40
N LYS B 417 20.92 14.95 11.02
CA LYS B 417 22.37 15.12 11.19
C LYS B 417 23.00 15.09 9.81
FE FE2 C . 1.90 14.94 12.18
FE FE2 C . 1.13 13.11 11.75
FE FE2 D . 19.19 11.08 21.84
OAA GDE E . 4.71 22.10 13.03
OAB GDE E . 3.85 21.45 14.97
OAC GDE E . 2.21 16.70 13.92
OAD GDE E . 5.05 17.96 10.32
OAE GDE E . 3.43 15.98 11.57
CAF GDE E . 3.14 18.89 13.82
CAG GDE E . 4.56 19.49 11.99
CAH GDE E . 4.15 21.22 13.75
CAI GDE E . 2.99 17.61 13.28
CAJ GDE E . 4.41 18.22 11.47
CAK GDE E . 3.94 19.84 13.17
CAL GDE E . 3.61 17.26 12.08
FE FE2 F . -0.38 -12.98 -11.91
FE FE2 F . 0.56 -14.12 -13.40
FE FE2 G . 1.64 -3.47 -29.85
OAA GDE H . 3.23 -19.02 -18.44
OAB GDE H . 5.28 -18.95 -17.61
OAC GDE H . 5.03 -14.59 -14.79
OAD GDE H . 0.51 -16.17 -15.24
OAE GDE H . 2.29 -14.34 -14.20
CAF GDE H . 4.56 -16.51 -16.16
CAG GDE H . 2.28 -17.32 -16.37
CAH GDE H . 4.08 -18.55 -17.62
CAI GDE H . 4.12 -15.48 -15.31
CAJ GDE H . 1.84 -16.28 -15.53
CAK GDE H . 3.63 -17.44 -16.69
CAL GDE H . 2.76 -15.36 -15.01
#